data_5A2X
#
_entry.id   5A2X
#
_cell.length_a   61.064
_cell.length_b   95.575
_cell.length_c   191.613
_cell.angle_alpha   90.00
_cell.angle_beta   90.00
_cell.angle_gamma   90.00
#
_symmetry.space_group_name_H-M   'P 21 21 21'
#
loop_
_entity.id
_entity.type
_entity.pdbx_description
1 polymer 'MITOCHONDRIAL PROTEIN'
2 non-polymer "CYTIDINE-5'-TRIPHOSPHATE"
3 non-polymer 'MAGNESIUM ION'
4 water water
#
_entity_poly.entity_id   1
_entity_poly.type   'polypeptide(L)'
_entity_poly.pdbx_seq_one_letter_code
;MHHHHHHSSGVDLGTENLYFQSMAGGAEETDAEVSARKKTFTEVQTERLEQADRSVLIKCPSKLNEKKLLQYLSSHGKID
NYFFFENRGIHALIEFSEKSSVASLQAVTGIPKAAEHHVVPYKSRLFTFTLKNPGSQAAEERPVKISPQSHIPVNELIPK
LCHADSISSQMYILLNEYQLTEENIKLRYLACSLVRDFARAYFPDSTVKPFGSSVNTFGKLGCDVDMFLDFHDIQKHATK
MKKGPFEMEYQMKRLPSERLATQKILSIIGDCLDNFGPGYSSVQKILNARCPLVKFSHQPTGFQCDLSVSNSIAIRCSEL
LYIYGCLDPRVRALVFSLRCWARVHGLTNSVPGTWITNFSLTMMIMFFLQKRSPPIIPTLDQLKELADEKDKHVIGGYDC
SFVSDLSKIKPTKNTETLDELLCDFFQYFGNFDFRKNSLNLRKGKEVNKPESSPLYIWNPFEQDLNISKNVNQPQLEKFV
AMARESAWILQKEDKTQQMINKEPWGLAAVLIPFGKSNPNTMKSRTKGIGSETIKSLLDSLKLSDANNLQKAVGK
;
_entity_poly.pdbx_strand_id   A,B
#
# COMPACT_ATOMS: atom_id res chain seq x y z
N LYS A 38 -26.39 -28.04 -11.43
CA LYS A 38 -26.09 -27.24 -12.66
C LYS A 38 -25.16 -26.08 -12.31
N LYS A 39 -24.00 -26.41 -11.75
CA LYS A 39 -23.06 -25.37 -11.27
C LYS A 39 -22.02 -24.97 -12.34
N THR A 40 -22.25 -23.78 -12.89
CA THR A 40 -21.37 -23.19 -13.88
C THR A 40 -20.00 -22.86 -13.32
N PHE A 41 -18.99 -22.92 -14.17
CA PHE A 41 -17.65 -22.48 -13.80
C PHE A 41 -17.70 -21.17 -13.04
N THR A 42 -18.43 -20.20 -13.60
CA THR A 42 -18.51 -18.86 -13.03
C THR A 42 -19.15 -18.91 -11.65
N GLU A 43 -20.17 -19.75 -11.49
CA GLU A 43 -20.76 -19.98 -10.17
C GLU A 43 -19.71 -20.49 -9.21
N VAL A 44 -19.13 -21.63 -9.53
CA VAL A 44 -18.16 -22.30 -8.65
C VAL A 44 -17.07 -21.32 -8.20
N GLN A 45 -16.47 -20.61 -9.14
CA GLN A 45 -15.47 -19.57 -8.85
C GLN A 45 -15.93 -18.61 -7.77
N THR A 46 -17.16 -18.13 -7.88
CA THR A 46 -17.69 -17.10 -6.97
C THR A 46 -17.83 -17.63 -5.56
N GLU A 47 -18.43 -18.82 -5.43
CA GLU A 47 -18.58 -19.48 -4.15
C GLU A 47 -17.22 -19.77 -3.51
N ARG A 48 -16.26 -20.23 -4.31
CA ARG A 48 -14.91 -20.52 -3.81
C ARG A 48 -14.25 -19.27 -3.26
N LEU A 49 -14.32 -18.19 -4.04
CA LEU A 49 -13.75 -16.90 -3.64
C LEU A 49 -14.40 -16.34 -2.39
N GLU A 50 -15.72 -16.45 -2.36
CA GLU A 50 -16.52 -16.00 -1.23
C GLU A 50 -16.11 -16.73 0.05
N GLN A 51 -15.77 -18.02 -0.08
CA GLN A 51 -15.35 -18.84 1.06
C GLN A 51 -13.93 -18.52 1.51
N ALA A 52 -13.01 -18.40 0.56
CA ALA A 52 -11.64 -18.00 0.86
C ALA A 52 -11.63 -16.60 1.48
N ASP A 53 -12.61 -15.80 1.09
CA ASP A 53 -12.76 -14.45 1.60
C ASP A 53 -12.90 -14.43 3.13
N ARG A 54 -13.53 -15.47 3.67
CA ARG A 54 -13.78 -15.56 5.11
C ARG A 54 -12.97 -16.71 5.74
N SER A 55 -11.70 -16.79 5.37
CA SER A 55 -10.79 -17.85 5.83
C SER A 55 -9.48 -17.24 6.30
N VAL A 56 -8.80 -17.92 7.22
CA VAL A 56 -7.50 -17.48 7.73
C VAL A 56 -6.52 -18.65 7.84
N LEU A 57 -5.28 -18.34 8.19
CA LEU A 57 -4.23 -19.35 8.36
C LEU A 57 -3.59 -19.20 9.72
N ILE A 58 -3.51 -20.32 10.45
CA ILE A 58 -2.98 -20.29 11.81
C ILE A 58 -1.82 -21.25 11.93
N LYS A 59 -0.65 -20.71 12.25
CA LYS A 59 0.50 -21.52 12.62
C LYS A 59 0.24 -22.06 14.01
N CYS A 60 0.30 -23.37 14.16
CA CYS A 60 -0.15 -23.99 15.41
C CYS A 60 0.99 -24.18 16.39
N PRO A 61 0.66 -24.34 17.69
CA PRO A 61 1.63 -24.71 18.72
C PRO A 61 2.27 -26.08 18.46
N SER A 62 3.43 -26.31 19.07
CA SER A 62 4.17 -27.57 18.89
C SER A 62 3.34 -28.73 19.39
N LYS A 63 2.92 -28.63 20.65
CA LYS A 63 1.94 -29.56 21.19
C LYS A 63 0.57 -28.94 20.94
N LEU A 64 -0.15 -29.52 19.99
CA LEU A 64 -1.42 -28.96 19.52
C LEU A 64 -2.58 -29.81 20.00
N ASN A 65 -3.55 -29.17 20.66
CA ASN A 65 -4.84 -29.80 20.93
C ASN A 65 -5.88 -29.33 19.90
N GLU A 66 -6.20 -30.21 18.96
CA GLU A 66 -7.16 -29.88 17.93
C GLU A 66 -8.43 -29.29 18.54
N LYS A 67 -9.03 -30.03 19.47
CA LYS A 67 -10.34 -29.68 20.01
C LYS A 67 -10.36 -28.30 20.68
N LYS A 68 -9.43 -28.08 21.61
CA LYS A 68 -9.39 -26.79 22.33
C LYS A 68 -9.23 -25.62 21.37
N LEU A 69 -8.46 -25.83 20.30
CA LEU A 69 -8.25 -24.79 19.30
C LEU A 69 -9.56 -24.43 18.61
N LEU A 70 -10.21 -25.42 18.04
CA LEU A 70 -11.46 -25.20 17.34
C LEU A 70 -12.53 -24.69 18.28
N GLN A 71 -12.60 -25.28 19.48
CA GLN A 71 -13.50 -24.80 20.52
C GLN A 71 -13.29 -23.33 20.79
N TYR A 72 -12.04 -22.92 20.94
CA TYR A 72 -11.72 -21.51 21.16
C TYR A 72 -12.17 -20.66 19.98
N LEU A 73 -11.68 -21.01 18.80
CA LEU A 73 -11.91 -20.23 17.59
C LEU A 73 -13.40 -20.06 17.34
N SER A 74 -14.17 -21.10 17.63
CA SER A 74 -15.61 -21.09 17.40
C SER A 74 -16.31 -19.97 18.15
N SER A 75 -15.70 -19.54 19.25
CA SER A 75 -16.20 -18.39 20.00
C SER A 75 -16.36 -17.15 19.13
N HIS A 76 -15.44 -16.97 18.19
CA HIS A 76 -15.47 -15.82 17.28
C HIS A 76 -16.52 -15.96 16.18
N GLY A 77 -16.88 -17.21 15.86
CA GLY A 77 -17.92 -17.48 14.87
C GLY A 77 -18.02 -18.97 14.54
N LYS A 78 -19.06 -19.33 13.80
CA LYS A 78 -19.28 -20.70 13.35
C LYS A 78 -18.22 -21.05 12.31
N ILE A 79 -17.80 -22.31 12.27
CA ILE A 79 -16.77 -22.77 11.34
C ILE A 79 -17.32 -23.80 10.36
N ASP A 80 -17.41 -23.41 9.09
CA ASP A 80 -17.87 -24.31 8.02
C ASP A 80 -16.87 -25.45 7.74
N ASN A 81 -15.60 -25.10 7.62
CA ASN A 81 -14.55 -26.07 7.28
C ASN A 81 -13.22 -25.76 7.94
N TYR A 82 -12.36 -26.77 8.02
CA TYR A 82 -10.99 -26.56 8.46
C TYR A 82 -10.13 -27.76 8.13
N PHE A 83 -8.83 -27.55 8.06
CA PHE A 83 -7.90 -28.67 7.92
C PHE A 83 -6.50 -28.25 8.33
N PHE A 84 -5.62 -29.23 8.47
CA PHE A 84 -4.25 -29.00 8.90
C PHE A 84 -3.31 -29.52 7.83
N PHE A 85 -2.15 -28.88 7.71
CA PHE A 85 -1.13 -29.35 6.78
C PHE A 85 0.25 -29.00 7.28
N GLU A 86 1.23 -29.78 6.86
CA GLU A 86 2.62 -29.63 7.30
C GLU A 86 3.37 -28.69 6.37
N ASN A 87 3.97 -27.63 6.93
CA ASN A 87 4.83 -26.73 6.16
C ASN A 87 5.71 -25.94 7.10
N ARG A 88 6.89 -26.48 7.36
CA ARG A 88 7.81 -25.89 8.35
C ARG A 88 7.09 -25.74 9.69
N GLY A 89 6.29 -26.75 10.03
CA GLY A 89 5.42 -26.70 11.21
C GLY A 89 3.98 -26.96 10.82
N ILE A 90 3.14 -27.18 11.81
CA ILE A 90 1.73 -27.46 11.56
C ILE A 90 0.95 -26.17 11.37
N HIS A 91 0.48 -25.94 10.14
CA HIS A 91 -0.43 -24.84 9.84
C HIS A 91 -1.83 -25.38 9.67
N ALA A 92 -2.82 -24.50 9.79
CA ALA A 92 -4.22 -24.88 9.73
C ALA A 92 -5.05 -23.82 9.01
N LEU A 93 -5.90 -24.25 8.07
CA LEU A 93 -6.79 -23.34 7.37
C LEU A 93 -8.15 -23.39 8.02
N ILE A 94 -8.67 -22.22 8.38
CA ILE A 94 -9.97 -22.12 9.04
C ILE A 94 -10.89 -21.31 8.15
N GLU A 95 -12.02 -21.91 7.77
CA GLU A 95 -13.02 -21.24 6.96
C GLU A 95 -14.25 -20.95 7.82
N PHE A 96 -14.39 -19.70 8.26
CA PHE A 96 -15.55 -19.29 9.04
C PHE A 96 -16.79 -19.15 8.17
N SER A 97 -17.96 -19.31 8.77
CA SER A 97 -19.23 -19.15 8.06
C SER A 97 -19.54 -17.67 7.78
N GLU A 98 -18.97 -16.78 8.59
CA GLU A 98 -19.20 -15.34 8.48
C GLU A 98 -17.89 -14.59 8.30
N LYS A 99 -17.88 -13.58 7.43
CA LYS A 99 -16.70 -12.74 7.27
C LYS A 99 -16.39 -11.92 8.52
N SER A 100 -17.43 -11.64 9.31
CA SER A 100 -17.33 -10.90 10.57
C SER A 100 -16.44 -11.62 11.58
N SER A 101 -16.39 -12.95 11.50
CA SER A 101 -15.53 -13.73 12.39
C SER A 101 -14.05 -13.40 12.22
N VAL A 102 -13.65 -12.93 11.05
CA VAL A 102 -12.26 -12.58 10.80
C VAL A 102 -11.90 -11.31 11.57
N ALA A 103 -12.80 -10.31 11.48
CA ALA A 103 -12.64 -9.07 12.23
C ALA A 103 -12.59 -9.37 13.72
N SER A 104 -13.57 -10.15 14.17
CA SER A 104 -13.67 -10.63 15.55
C SER A 104 -12.34 -11.19 16.04
N LEU A 105 -11.74 -12.07 15.26
CA LEU A 105 -10.47 -12.71 15.64
C LEU A 105 -9.32 -11.73 15.61
N GLN A 106 -9.29 -10.88 14.58
CA GLN A 106 -8.27 -9.85 14.43
C GLN A 106 -8.31 -8.86 15.59
N ALA A 107 -9.53 -8.57 16.06
CA ALA A 107 -9.75 -7.66 17.18
C ALA A 107 -9.02 -8.08 18.46
N VAL A 108 -8.80 -9.39 18.64
CA VAL A 108 -8.10 -9.90 19.82
C VAL A 108 -6.67 -10.37 19.53
N THR A 109 -6.18 -10.03 18.34
CA THR A 109 -4.84 -10.42 17.93
C THR A 109 -3.91 -9.24 18.11
N GLY A 110 -2.75 -9.51 18.70
CA GLY A 110 -1.79 -8.47 18.99
C GLY A 110 -0.63 -8.45 18.01
N ILE A 111 0.10 -7.35 18.01
CA ILE A 111 1.33 -7.24 17.25
C ILE A 111 2.41 -7.86 18.13
N PRO A 112 3.36 -8.60 17.54
CA PRO A 112 4.46 -9.13 18.35
C PRO A 112 5.26 -8.05 19.10
N LYS A 113 4.89 -7.82 20.37
CA LYS A 113 5.57 -6.83 21.21
C LYS A 113 6.99 -7.26 21.46
N ALA A 114 7.20 -8.58 21.58
CA ALA A 114 8.52 -9.20 21.60
C ALA A 114 9.48 -8.57 20.59
N ALA A 115 9.00 -8.38 19.35
CA ALA A 115 9.80 -7.77 18.29
C ALA A 115 9.25 -6.41 17.83
N GLU A 116 8.71 -5.63 18.77
CA GLU A 116 8.04 -4.38 18.42
C GLU A 116 7.94 -3.12 17.53
N HIS A 117 9.10 -2.62 17.10
CA HIS A 117 9.21 -1.41 16.28
C HIS A 117 9.94 -2.00 15.06
N HIS A 118 10.56 -3.18 15.22
CA HIS A 118 11.39 -3.79 14.18
C HIS A 118 10.61 -4.60 13.14
N VAL A 119 9.29 -4.42 13.05
CA VAL A 119 8.47 -5.12 12.03
C VAL A 119 7.64 -4.12 11.24
N VAL A 120 7.14 -4.57 10.10
CA VAL A 120 6.20 -3.78 9.30
C VAL A 120 4.79 -4.16 9.72
N PRO A 121 4.09 -3.22 10.38
CA PRO A 121 2.84 -3.55 11.08
C PRO A 121 1.61 -3.75 10.18
N TYR A 122 1.80 -4.42 9.04
CA TYR A 122 0.68 -4.77 8.18
C TYR A 122 -0.04 -5.98 8.74
N LYS A 123 -1.32 -5.83 9.06
CA LYS A 123 -2.13 -6.93 9.56
C LYS A 123 -2.87 -7.61 8.42
N SER A 124 -2.81 -8.94 8.36
CA SER A 124 -3.65 -9.69 7.40
C SER A 124 -4.20 -10.92 8.08
N ARG A 125 -4.52 -11.96 7.32
CA ARG A 125 -5.15 -13.14 7.87
C ARG A 125 -4.16 -14.29 8.12
N LEU A 126 -2.92 -13.94 8.45
CA LEU A 126 -1.90 -14.92 8.83
C LEU A 126 -1.56 -14.77 10.32
N PHE A 127 -1.95 -15.77 11.12
CA PHE A 127 -1.87 -15.71 12.59
C PHE A 127 -0.91 -16.75 13.15
N THR A 128 -0.34 -16.44 14.32
CA THR A 128 0.55 -17.36 15.03
C THR A 128 0.07 -17.55 16.47
N PHE A 129 -0.37 -18.78 16.77
CA PHE A 129 -0.95 -19.13 18.07
C PHE A 129 0.07 -19.85 18.92
N THR A 130 0.21 -19.40 20.16
CA THR A 130 0.96 -20.12 21.17
C THR A 130 0.15 -20.14 22.44
N LEU A 131 0.55 -21.00 23.36
CA LEU A 131 -0.14 -21.12 24.64
C LEU A 131 0.29 -19.99 25.59
N LYS A 132 -0.67 -19.42 26.30
CA LYS A 132 -0.36 -18.42 27.32
C LYS A 132 0.49 -19.03 28.41
N ASN A 133 0.02 -20.17 28.93
CA ASN A 133 0.69 -20.93 29.97
C ASN A 133 1.10 -22.32 29.42
N PRO A 134 2.36 -22.44 28.94
CA PRO A 134 2.85 -23.71 28.40
C PRO A 134 2.78 -24.86 29.41
N GLY A 135 2.92 -24.53 30.69
CA GLY A 135 2.75 -25.49 31.77
C GLY A 135 1.33 -25.73 32.28
N SER A 136 0.30 -25.37 31.51
CA SER A 136 -1.09 -25.69 31.86
C SER A 136 -1.73 -26.61 30.82
N GLN A 137 -0.96 -27.57 30.33
CA GLN A 137 -1.45 -28.56 29.38
C GLN A 137 -2.28 -29.61 30.12
N ALA A 138 -3.58 -29.67 29.84
CA ALA A 138 -4.51 -30.40 30.71
C ALA A 138 -5.48 -31.38 30.01
N ALA A 139 -5.05 -31.96 28.89
CA ALA A 139 -5.77 -33.08 28.27
C ALA A 139 -4.83 -33.96 27.45
N GLU A 140 -5.33 -35.13 27.06
CA GLU A 140 -4.54 -36.11 26.32
C GLU A 140 -4.10 -35.66 24.93
N GLU A 141 -2.79 -35.64 24.70
CA GLU A 141 -2.26 -35.34 23.38
C GLU A 141 -2.71 -36.39 22.35
N ARG A 142 -3.53 -35.94 21.38
CA ARG A 142 -3.88 -36.76 20.22
C ARG A 142 -3.24 -36.18 18.95
N PRO A 143 -2.86 -37.07 18.02
CA PRO A 143 -2.33 -36.61 16.73
C PRO A 143 -3.38 -35.89 15.89
N VAL A 144 -2.91 -35.20 14.85
CA VAL A 144 -3.77 -34.43 13.98
C VAL A 144 -3.61 -34.89 12.53
N LYS A 145 -4.73 -34.96 11.80
CA LYS A 145 -4.74 -35.42 10.41
C LYS A 145 -4.18 -34.35 9.47
N ILE A 146 -3.17 -34.74 8.70
CA ILE A 146 -2.44 -33.83 7.83
C ILE A 146 -2.88 -34.03 6.39
N SER A 147 -3.57 -33.05 5.82
CA SER A 147 -3.88 -33.07 4.40
C SER A 147 -2.61 -32.85 3.58
N PRO A 148 -2.29 -33.78 2.65
CA PRO A 148 -1.07 -33.66 1.88
C PRO A 148 -1.25 -32.69 0.73
N GLN A 149 -0.27 -31.80 0.54
CA GLN A 149 -0.35 -30.75 -0.48
C GLN A 149 0.53 -31.01 -1.70
N SER A 150 1.25 -32.12 -1.71
CA SER A 150 2.04 -32.53 -2.87
C SER A 150 1.74 -33.99 -3.20
N HIS A 151 1.95 -34.37 -4.46
CA HIS A 151 1.70 -35.74 -4.91
C HIS A 151 3.00 -36.55 -4.80
N ILE A 152 2.87 -37.87 -4.79
CA ILE A 152 4.05 -38.74 -4.73
C ILE A 152 4.90 -38.60 -5.99
N PRO A 153 6.21 -38.84 -5.86
CA PRO A 153 7.08 -38.79 -7.05
C PRO A 153 6.74 -39.86 -8.08
N VAL A 154 7.31 -39.74 -9.27
CA VAL A 154 7.03 -40.69 -10.35
C VAL A 154 7.52 -42.07 -9.97
N ASN A 155 8.76 -42.16 -9.50
CA ASN A 155 9.35 -43.43 -9.10
C ASN A 155 8.54 -44.18 -8.04
N GLU A 156 7.92 -43.47 -7.11
CA GLU A 156 7.02 -44.10 -6.13
C GLU A 156 5.70 -44.56 -6.76
N LEU A 157 5.29 -43.88 -7.82
CA LEU A 157 4.04 -44.19 -8.51
C LEU A 157 4.13 -45.44 -9.37
N ILE A 158 5.30 -45.65 -9.99
CA ILE A 158 5.47 -46.73 -10.97
C ILE A 158 5.12 -48.11 -10.41
N PRO A 159 5.59 -48.45 -9.20
CA PRO A 159 5.18 -49.71 -8.58
C PRO A 159 3.66 -49.85 -8.49
N LYS A 160 2.98 -48.85 -7.93
CA LYS A 160 1.53 -48.89 -7.79
C LYS A 160 0.82 -49.16 -9.12
N LEU A 161 1.36 -48.59 -10.19
CA LEU A 161 0.78 -48.77 -11.52
C LEU A 161 0.96 -50.20 -12.01
N CYS A 162 2.09 -50.79 -11.69
CA CYS A 162 2.38 -52.16 -12.12
C CYS A 162 1.46 -53.18 -11.44
N HIS A 163 1.06 -52.92 -10.21
CA HIS A 163 0.18 -53.83 -9.46
C HIS A 163 -1.30 -53.68 -9.83
N ALA A 164 -1.64 -52.67 -10.63
CA ALA A 164 -3.02 -52.52 -11.12
C ALA A 164 -3.39 -53.64 -12.08
N ASP A 165 -4.65 -53.68 -12.50
CA ASP A 165 -5.16 -54.76 -13.33
C ASP A 165 -5.07 -54.43 -14.82
N SER A 166 -5.67 -53.31 -15.19
CA SER A 166 -5.74 -52.89 -16.58
C SER A 166 -5.06 -51.54 -16.71
N ILE A 167 -5.05 -50.98 -17.91
CA ILE A 167 -4.48 -49.68 -18.12
C ILE A 167 -5.45 -48.63 -17.57
N SER A 168 -6.74 -48.77 -17.89
CA SER A 168 -7.77 -47.85 -17.36
C SER A 168 -7.48 -47.57 -15.90
N SER A 169 -7.32 -48.63 -15.12
CA SER A 169 -7.02 -48.50 -13.70
C SER A 169 -5.75 -47.67 -13.49
N GLN A 170 -4.66 -48.05 -14.15
CA GLN A 170 -3.40 -47.32 -14.05
C GLN A 170 -3.61 -45.83 -14.23
N MET A 171 -4.32 -45.45 -15.29
CA MET A 171 -4.55 -44.03 -15.59
C MET A 171 -5.36 -43.35 -14.50
N TYR A 172 -6.38 -44.05 -14.00
CA TYR A 172 -7.21 -43.54 -12.91
C TYR A 172 -6.47 -43.49 -11.58
N ILE A 173 -5.53 -44.39 -11.36
CA ILE A 173 -4.70 -44.32 -10.16
C ILE A 173 -3.90 -43.02 -10.19
N LEU A 174 -3.15 -42.83 -11.27
CA LEU A 174 -2.35 -41.63 -11.48
C LEU A 174 -3.22 -40.40 -11.27
N LEU A 175 -4.33 -40.33 -11.99
CA LEU A 175 -5.25 -39.20 -11.87
C LEU A 175 -5.49 -38.84 -10.40
N ASN A 176 -5.91 -39.82 -9.62
CA ASN A 176 -6.23 -39.61 -8.22
C ASN A 176 -5.01 -39.20 -7.41
N GLU A 177 -3.92 -39.91 -7.59
CA GLU A 177 -2.66 -39.60 -6.90
C GLU A 177 -2.15 -38.18 -7.20
N TYR A 178 -2.56 -37.63 -8.34
CA TYR A 178 -2.05 -36.33 -8.81
C TYR A 178 -3.04 -35.16 -8.68
N GLN A 179 -4.32 -35.40 -8.90
CA GLN A 179 -5.29 -34.30 -8.94
C GLN A 179 -5.35 -33.47 -7.66
N LEU A 180 -5.89 -32.25 -7.78
CA LEU A 180 -5.97 -31.34 -6.64
C LEU A 180 -7.01 -31.84 -5.65
N THR A 181 -6.67 -31.75 -4.37
CA THR A 181 -7.58 -32.12 -3.31
C THR A 181 -8.41 -30.91 -2.96
N GLU A 182 -9.56 -31.15 -2.33
CA GLU A 182 -10.47 -30.08 -1.89
C GLU A 182 -9.71 -29.08 -1.03
N GLU A 183 -8.88 -29.59 -0.13
CA GLU A 183 -8.10 -28.75 0.78
C GLU A 183 -7.12 -27.89 -0.01
N ASN A 184 -6.39 -28.52 -0.92
CA ASN A 184 -5.42 -27.83 -1.77
C ASN A 184 -6.05 -26.67 -2.52
N ILE A 185 -7.26 -26.89 -3.06
CA ILE A 185 -7.97 -25.85 -3.79
C ILE A 185 -8.28 -24.67 -2.88
N LYS A 186 -8.90 -24.95 -1.75
CA LYS A 186 -9.22 -23.90 -0.77
C LYS A 186 -8.00 -23.05 -0.47
N LEU A 187 -6.87 -23.73 -0.38
CA LEU A 187 -5.59 -23.10 -0.09
C LEU A 187 -5.12 -22.21 -1.25
N ARG A 188 -5.40 -22.62 -2.48
CA ARG A 188 -5.08 -21.82 -3.68
C ARG A 188 -5.92 -20.55 -3.73
N TYR A 189 -7.23 -20.70 -3.57
CA TYR A 189 -8.13 -19.57 -3.60
C TYR A 189 -7.75 -18.57 -2.50
N LEU A 190 -7.36 -19.08 -1.34
CA LEU A 190 -6.96 -18.22 -0.24
C LEU A 190 -5.77 -17.36 -0.65
N ALA A 191 -4.78 -18.00 -1.26
CA ALA A 191 -3.58 -17.31 -1.71
C ALA A 191 -3.97 -16.12 -2.58
N CYS A 192 -4.91 -16.33 -3.51
CA CYS A 192 -5.47 -15.25 -4.35
C CYS A 192 -6.11 -14.19 -3.48
N SER A 193 -6.94 -14.63 -2.54
CA SER A 193 -7.66 -13.72 -1.65
C SER A 193 -6.72 -12.79 -0.88
N LEU A 194 -5.60 -13.33 -0.41
CA LEU A 194 -4.61 -12.53 0.33
C LEU A 194 -4.00 -11.45 -0.57
N VAL A 195 -3.72 -11.81 -1.82
CA VAL A 195 -3.12 -10.88 -2.78
C VAL A 195 -4.10 -9.77 -3.12
N ARG A 196 -5.37 -10.12 -3.20
CA ARG A 196 -6.43 -9.15 -3.46
C ARG A 196 -6.38 -8.06 -2.40
N ASP A 197 -6.43 -8.47 -1.14
CA ASP A 197 -6.44 -7.53 -0.02
C ASP A 197 -5.49 -6.32 -0.18
N PHE A 198 -4.29 -6.54 -0.75
CA PHE A 198 -3.39 -5.43 -1.13
C PHE A 198 -3.98 -4.52 -2.22
N ALA A 199 -4.54 -5.13 -3.25
CA ALA A 199 -5.10 -4.38 -4.38
C ALA A 199 -6.23 -3.46 -3.95
N ARG A 200 -7.13 -3.97 -3.11
CA ARG A 200 -8.29 -3.20 -2.67
C ARG A 200 -7.91 -1.86 -2.04
N ALA A 201 -6.70 -1.81 -1.51
CA ALA A 201 -6.26 -0.62 -0.80
C ALA A 201 -6.62 0.61 -1.59
N TYR A 202 -6.41 0.56 -2.91
CA TYR A 202 -6.67 1.73 -3.77
C TYR A 202 -7.60 1.49 -4.94
N PHE A 203 -7.89 0.23 -5.23
CA PHE A 203 -8.96 -0.12 -6.16
C PHE A 203 -9.92 -1.04 -5.40
N PRO A 204 -10.79 -0.44 -4.57
CA PRO A 204 -11.68 -1.23 -3.71
C PRO A 204 -12.42 -2.37 -4.41
N ASP A 205 -12.66 -2.23 -5.72
CA ASP A 205 -13.45 -3.21 -6.45
C ASP A 205 -12.60 -4.24 -7.18
N SER A 206 -11.32 -4.36 -6.82
CA SER A 206 -10.44 -5.32 -7.46
C SER A 206 -10.78 -6.71 -7.03
N THR A 207 -10.37 -7.63 -7.88
CA THR A 207 -10.43 -9.02 -7.58
C THR A 207 -9.15 -9.69 -8.05
N VAL A 208 -8.74 -10.72 -7.33
CA VAL A 208 -7.66 -11.58 -7.77
C VAL A 208 -8.30 -12.95 -7.91
N LYS A 209 -8.26 -13.48 -9.12
CA LYS A 209 -8.94 -14.71 -9.47
C LYS A 209 -7.96 -15.66 -10.12
N PRO A 210 -8.01 -16.95 -9.73
CA PRO A 210 -7.15 -17.89 -10.40
C PRO A 210 -7.72 -18.31 -11.75
N PHE A 211 -6.83 -18.71 -12.64
CA PHE A 211 -7.20 -19.30 -13.92
C PHE A 211 -6.17 -20.38 -14.22
N GLY A 212 -6.32 -21.02 -15.37
CA GLY A 212 -5.40 -22.08 -15.77
C GLY A 212 -5.68 -23.37 -15.00
N SER A 213 -4.62 -24.16 -14.82
CA SER A 213 -4.74 -25.50 -14.26
C SER A 213 -5.35 -25.48 -12.86
N SER A 214 -5.06 -24.41 -12.11
CA SER A 214 -5.60 -24.27 -10.77
C SER A 214 -7.13 -24.43 -10.73
N VAL A 215 -7.82 -24.04 -11.80
CA VAL A 215 -9.28 -24.03 -11.82
C VAL A 215 -9.97 -24.74 -12.98
N ASN A 216 -9.21 -25.24 -13.94
CA ASN A 216 -9.81 -25.86 -15.13
C ASN A 216 -9.99 -27.38 -15.06
N THR A 217 -9.81 -27.97 -13.88
CA THR A 217 -9.99 -29.42 -13.61
C THR A 217 -8.78 -30.28 -13.95
N PHE A 218 -7.76 -29.69 -14.57
CA PHE A 218 -6.58 -30.43 -14.96
C PHE A 218 -5.39 -30.14 -14.06
N GLY A 219 -5.60 -29.44 -12.96
CA GLY A 219 -4.49 -29.12 -12.05
C GLY A 219 -3.96 -30.34 -11.31
N LYS A 220 -2.64 -30.54 -11.38
CA LYS A 220 -1.97 -31.52 -10.54
C LYS A 220 -1.41 -30.82 -9.31
N LEU A 221 -1.26 -31.56 -8.21
CA LEU A 221 -0.66 -31.00 -7.01
C LEU A 221 0.71 -30.42 -7.33
N GLY A 222 1.07 -29.36 -6.62
CA GLY A 222 2.38 -28.73 -6.77
C GLY A 222 2.49 -27.76 -7.93
N CYS A 223 1.41 -27.56 -8.67
CA CYS A 223 1.43 -26.62 -9.80
C CYS A 223 1.33 -25.19 -9.29
N ASP A 224 1.65 -24.24 -10.15
CA ASP A 224 1.61 -22.84 -9.81
C ASP A 224 0.17 -22.34 -9.78
N VAL A 225 -0.05 -21.28 -8.99
CA VAL A 225 -1.34 -20.62 -8.96
C VAL A 225 -1.27 -19.41 -9.89
N ASP A 226 -2.00 -19.46 -11.00
CA ASP A 226 -2.00 -18.37 -11.97
C ASP A 226 -3.11 -17.37 -11.64
N MET A 227 -2.73 -16.14 -11.31
CA MET A 227 -3.66 -15.12 -10.81
C MET A 227 -3.87 -13.98 -11.82
N PHE A 228 -5.13 -13.62 -12.04
CA PHE A 228 -5.48 -12.45 -12.86
C PHE A 228 -6.04 -11.34 -11.99
N LEU A 229 -5.37 -10.19 -11.98
CA LEU A 229 -5.88 -9.01 -11.29
C LEU A 229 -6.89 -8.27 -12.17
N ASP A 230 -8.13 -8.20 -11.72
CA ASP A 230 -9.18 -7.48 -12.43
C ASP A 230 -9.55 -6.32 -11.52
N PHE A 231 -9.10 -5.12 -11.88
CA PHE A 231 -9.16 -4.00 -10.94
C PHE A 231 -10.33 -3.03 -11.07
N HIS A 232 -10.82 -2.77 -12.29
CA HIS A 232 -11.73 -1.64 -12.49
C HIS A 232 -13.20 -2.07 -12.42
N ASP A 233 -13.57 -3.05 -13.23
CA ASP A 233 -14.93 -3.60 -13.26
C ASP A 233 -15.99 -2.57 -13.70
N LYS A 243 -28.96 14.48 -6.25
CA LYS A 243 -30.16 15.12 -6.79
C LYS A 243 -30.45 16.44 -6.06
N GLY A 244 -29.42 17.26 -5.91
CA GLY A 244 -29.56 18.68 -5.52
C GLY A 244 -29.58 19.53 -6.79
N PRO A 245 -29.08 20.77 -6.71
CA PRO A 245 -28.79 21.58 -7.90
C PRO A 245 -27.33 21.50 -8.35
N PHE A 246 -26.56 20.60 -7.73
CA PHE A 246 -25.14 20.41 -8.04
C PHE A 246 -24.86 19.00 -8.58
N GLU A 247 -23.88 18.90 -9.49
CA GLU A 247 -23.28 17.62 -9.87
C GLU A 247 -22.07 17.40 -8.98
N MET A 248 -22.21 16.46 -8.04
CA MET A 248 -21.21 16.23 -7.02
C MET A 248 -20.39 14.99 -7.35
N GLU A 249 -19.08 15.17 -7.45
CA GLU A 249 -18.17 14.15 -7.96
C GLU A 249 -16.90 14.05 -7.09
N TYR A 250 -16.37 12.83 -6.94
CA TYR A 250 -15.09 12.62 -6.24
C TYR A 250 -13.93 13.13 -7.06
N GLN A 251 -12.89 13.59 -6.38
CA GLN A 251 -11.63 13.90 -7.02
C GLN A 251 -10.74 12.66 -6.99
N MET A 252 -10.29 12.23 -8.16
CA MET A 252 -9.58 10.97 -8.29
C MET A 252 -8.50 11.08 -9.35
N LYS A 253 -7.34 10.50 -9.07
CA LYS A 253 -6.18 10.65 -9.93
C LYS A 253 -6.33 9.82 -11.21
N ARG A 254 -6.08 10.46 -12.34
CA ARG A 254 -6.19 9.80 -13.64
C ARG A 254 -5.13 8.71 -13.78
N LEU A 255 -5.46 7.70 -14.60
CA LEU A 255 -4.53 6.64 -14.97
C LEU A 255 -4.01 6.80 -16.40
N PRO A 256 -2.76 6.31 -16.68
CA PRO A 256 -2.19 6.21 -18.04
C PRO A 256 -2.89 5.19 -18.98
N SER A 257 -2.23 4.82 -20.08
CA SER A 257 -2.75 3.75 -20.98
C SER A 257 -3.00 2.44 -20.23
N GLU A 258 -3.65 1.48 -20.89
CA GLU A 258 -3.92 0.19 -20.26
C GLU A 258 -2.59 -0.43 -19.78
N ARG A 259 -1.69 -0.71 -20.72
CA ARG A 259 -0.42 -1.40 -20.41
C ARG A 259 0.43 -0.67 -19.39
N LEU A 260 0.53 0.64 -19.52
CA LEU A 260 1.43 1.41 -18.66
C LEU A 260 0.92 1.45 -17.21
N ALA A 261 -0.40 1.55 -17.05
CA ALA A 261 -1.04 1.49 -15.74
C ALA A 261 -0.82 0.11 -15.13
N THR A 262 -1.19 -0.92 -15.88
CA THR A 262 -0.93 -2.32 -15.54
C THR A 262 0.47 -2.51 -14.95
N GLN A 263 1.47 -1.97 -15.63
CA GLN A 263 2.85 -2.07 -15.17
C GLN A 263 3.05 -1.44 -13.79
N LYS A 264 2.42 -0.29 -13.56
CA LYS A 264 2.59 0.42 -12.31
C LYS A 264 1.84 -0.24 -11.16
N ILE A 265 0.60 -0.66 -11.41
CA ILE A 265 -0.19 -1.33 -10.38
C ILE A 265 0.54 -2.60 -9.89
N LEU A 266 0.98 -3.43 -10.84
CA LEU A 266 1.70 -4.66 -10.50
C LEU A 266 3.04 -4.36 -9.81
N SER A 267 3.75 -3.36 -10.31
CA SER A 267 5.03 -2.97 -9.72
C SER A 267 4.88 -2.68 -8.24
N ILE A 268 3.82 -1.96 -7.89
CA ILE A 268 3.59 -1.53 -6.52
C ILE A 268 3.12 -2.69 -5.64
N ILE A 269 2.16 -3.45 -6.13
CA ILE A 269 1.73 -4.66 -5.43
C ILE A 269 2.93 -5.57 -5.19
N GLY A 270 3.72 -5.81 -6.23
CA GLY A 270 4.92 -6.60 -6.10
C GLY A 270 5.72 -6.12 -4.90
N ASP A 271 6.02 -4.83 -4.88
CA ASP A 271 6.80 -4.23 -3.80
C ASP A 271 6.19 -4.51 -2.43
N CYS A 272 4.86 -4.43 -2.34
CA CYS A 272 4.12 -4.68 -1.10
C CYS A 272 4.25 -6.13 -0.64
N LEU A 273 4.05 -7.05 -1.58
CA LEU A 273 4.21 -8.47 -1.28
C LEU A 273 5.57 -8.67 -0.64
N ASP A 274 6.58 -8.06 -1.25
CA ASP A 274 7.93 -8.20 -0.78
C ASP A 274 8.13 -7.63 0.64
N ASN A 275 7.64 -6.40 0.86
CA ASN A 275 7.97 -5.59 2.05
C ASN A 275 6.90 -5.49 3.17
N PHE A 276 5.63 -5.68 2.85
CA PHE A 276 4.58 -5.70 3.87
C PHE A 276 4.27 -7.16 4.19
N GLY A 277 4.40 -8.01 3.18
CA GLY A 277 4.43 -9.44 3.34
C GLY A 277 3.20 -9.86 4.10
N PRO A 278 3.33 -10.90 4.93
CA PRO A 278 4.49 -11.76 5.18
C PRO A 278 4.54 -13.00 4.30
N GLY A 279 5.71 -13.62 4.24
CA GLY A 279 5.85 -14.92 3.61
C GLY A 279 5.90 -14.89 2.09
N TYR A 280 6.18 -13.73 1.52
CA TYR A 280 6.34 -13.63 0.09
C TYR A 280 7.83 -13.48 -0.18
N SER A 281 8.38 -14.41 -0.97
CA SER A 281 9.78 -14.39 -1.33
C SER A 281 9.91 -14.50 -2.84
N SER A 282 11.14 -14.43 -3.32
CA SER A 282 11.46 -14.53 -4.74
C SER A 282 10.49 -13.72 -5.57
N VAL A 283 10.21 -12.48 -5.13
CA VAL A 283 9.35 -11.60 -5.90
C VAL A 283 10.15 -11.17 -7.12
N GLN A 284 9.60 -11.41 -8.30
CA GLN A 284 10.30 -11.20 -9.55
C GLN A 284 9.40 -10.35 -10.44
N LYS A 285 9.71 -9.07 -10.55
CA LYS A 285 8.91 -8.19 -11.41
C LYS A 285 9.36 -8.34 -12.85
N ILE A 286 8.52 -9.01 -13.64
CA ILE A 286 8.78 -9.20 -15.07
C ILE A 286 7.75 -8.40 -15.85
N LEU A 287 7.84 -7.08 -15.70
CA LEU A 287 6.79 -6.17 -16.13
C LEU A 287 6.77 -5.92 -17.64
N ASN A 288 7.90 -6.17 -18.30
CA ASN A 288 8.08 -5.78 -19.70
C ASN A 288 7.64 -6.81 -20.74
N ALA A 289 7.32 -8.03 -20.31
CA ALA A 289 6.87 -9.06 -21.24
C ALA A 289 5.59 -8.67 -21.99
N ARG A 290 5.19 -9.50 -22.95
CA ARG A 290 3.96 -9.27 -23.72
C ARG A 290 2.80 -9.01 -22.77
N CYS A 291 2.68 -9.87 -21.76
CA CYS A 291 1.73 -9.68 -20.67
C CYS A 291 2.50 -9.49 -19.38
N PRO A 292 2.55 -8.23 -18.88
CA PRO A 292 3.27 -7.89 -17.66
C PRO A 292 2.96 -8.87 -16.53
N LEU A 293 3.97 -9.18 -15.73
CA LEU A 293 3.90 -10.32 -14.82
C LEU A 293 4.69 -10.09 -13.54
N VAL A 294 4.16 -10.60 -12.42
CA VAL A 294 4.96 -10.69 -11.19
C VAL A 294 4.90 -12.12 -10.68
N LYS A 295 6.06 -12.77 -10.67
CA LYS A 295 6.19 -14.12 -10.10
C LYS A 295 6.63 -13.97 -8.67
N PHE A 296 6.14 -14.86 -7.81
CA PHE A 296 6.52 -14.83 -6.41
C PHE A 296 6.19 -16.15 -5.71
N SER A 297 6.89 -16.38 -4.60
CA SER A 297 6.76 -17.61 -3.85
C SER A 297 6.07 -17.30 -2.52
N HIS A 298 4.96 -17.99 -2.23
CA HIS A 298 4.19 -17.76 -1.01
C HIS A 298 4.45 -18.85 0.05
N GLN A 299 5.26 -18.52 1.05
CA GLN A 299 5.73 -19.51 2.04
C GLN A 299 4.61 -20.23 2.78
N PRO A 300 3.58 -19.49 3.25
CA PRO A 300 2.56 -20.11 4.11
C PRO A 300 1.73 -21.19 3.43
N THR A 301 1.38 -20.97 2.16
CA THR A 301 0.61 -21.93 1.41
C THR A 301 1.50 -22.83 0.57
N GLY A 302 2.80 -22.53 0.53
CA GLY A 302 3.77 -23.33 -0.23
C GLY A 302 3.77 -23.16 -1.75
N PHE A 303 2.79 -22.45 -2.27
CA PHE A 303 2.64 -22.28 -3.72
C PHE A 303 3.58 -21.23 -4.31
N GLN A 304 4.17 -21.57 -5.44
CA GLN A 304 4.74 -20.51 -6.28
C GLN A 304 3.62 -19.96 -7.24
N CYS A 305 3.66 -18.64 -7.47
CA CYS A 305 2.54 -17.93 -8.11
C CYS A 305 2.94 -17.00 -9.28
N ASP A 306 1.96 -16.66 -10.12
CA ASP A 306 2.16 -15.79 -11.29
C ASP A 306 1.03 -14.79 -11.40
N LEU A 307 1.33 -13.54 -11.03
CA LEU A 307 0.33 -12.49 -11.05
C LEU A 307 0.39 -11.63 -12.31
N SER A 308 -0.75 -11.50 -12.99
CA SER A 308 -0.87 -10.66 -14.18
C SER A 308 -2.24 -10.03 -14.22
N VAL A 309 -2.42 -9.00 -15.07
CA VAL A 309 -3.70 -8.30 -15.18
C VAL A 309 -4.67 -9.04 -16.10
N SER A 310 -5.95 -8.97 -15.76
CA SER A 310 -7.00 -9.82 -16.34
C SER A 310 -6.94 -9.87 -17.85
N ASN A 311 -6.91 -11.08 -18.38
CA ASN A 311 -7.03 -11.33 -19.79
C ASN A 311 -8.26 -12.24 -19.95
N SER A 312 -9.36 -11.70 -20.48
CA SER A 312 -10.64 -12.44 -20.57
C SER A 312 -10.61 -13.56 -21.62
N ILE A 313 -9.66 -13.50 -22.55
CA ILE A 313 -9.46 -14.59 -23.50
C ILE A 313 -8.95 -15.85 -22.78
N ALA A 314 -7.95 -15.67 -21.91
CA ALA A 314 -7.40 -16.77 -21.13
C ALA A 314 -8.43 -17.40 -20.18
N ILE A 315 -9.33 -16.57 -19.64
CA ILE A 315 -10.37 -17.05 -18.73
C ILE A 315 -11.40 -17.91 -19.45
N ARG A 316 -11.74 -17.52 -20.68
CA ARG A 316 -12.66 -18.31 -21.49
C ARG A 316 -12.05 -19.70 -21.82
N CYS A 317 -10.75 -19.74 -22.07
CA CYS A 317 -10.05 -21.02 -22.25
C CYS A 317 -10.24 -21.88 -21.01
N SER A 318 -9.93 -21.32 -19.86
CA SER A 318 -10.01 -22.04 -18.62
C SER A 318 -11.43 -22.58 -18.40
N GLU A 319 -12.44 -21.79 -18.77
CA GLU A 319 -13.83 -22.26 -18.68
C GLU A 319 -14.09 -23.39 -19.67
N LEU A 320 -13.67 -23.20 -20.91
CA LEU A 320 -13.80 -24.21 -21.94
C LEU A 320 -13.18 -25.53 -21.48
N LEU A 321 -11.96 -25.44 -20.98
CA LEU A 321 -11.28 -26.62 -20.45
C LEU A 321 -11.98 -27.17 -19.22
N TYR A 322 -12.52 -26.28 -18.39
CA TYR A 322 -13.35 -26.71 -17.26
C TYR A 322 -14.50 -27.59 -17.76
N ILE A 323 -15.17 -27.14 -18.82
CA ILE A 323 -16.27 -27.90 -19.39
C ILE A 323 -15.80 -29.29 -19.78
N TYR A 324 -14.84 -29.32 -20.70
CA TYR A 324 -14.35 -30.58 -21.27
C TYR A 324 -14.00 -31.56 -20.17
N GLY A 325 -13.21 -31.12 -19.21
CA GLY A 325 -12.83 -31.95 -18.07
C GLY A 325 -14.01 -32.51 -17.31
N CYS A 326 -15.05 -31.70 -17.15
CA CYS A 326 -16.24 -32.11 -16.42
C CYS A 326 -17.08 -33.12 -17.22
N LEU A 327 -17.16 -32.93 -18.53
CA LEU A 327 -18.01 -33.80 -19.39
C LEU A 327 -17.75 -35.30 -19.24
N ASP A 328 -16.49 -35.69 -19.02
CA ASP A 328 -16.13 -37.11 -18.97
C ASP A 328 -14.83 -37.38 -18.21
N PRO A 329 -14.81 -38.41 -17.35
CA PRO A 329 -13.58 -38.68 -16.60
C PRO A 329 -12.43 -39.12 -17.50
N ARG A 330 -12.75 -39.75 -18.63
CA ARG A 330 -11.73 -40.16 -19.59
C ARG A 330 -10.89 -38.97 -20.04
N VAL A 331 -11.54 -37.82 -20.21
CA VAL A 331 -10.87 -36.59 -20.63
C VAL A 331 -9.73 -36.26 -19.69
N ARG A 332 -10.06 -36.14 -18.41
CA ARG A 332 -9.08 -35.79 -17.38
C ARG A 332 -8.01 -36.88 -17.30
N ALA A 333 -8.46 -38.11 -17.14
CA ALA A 333 -7.56 -39.28 -17.09
C ALA A 333 -6.47 -39.22 -18.15
N LEU A 334 -6.88 -38.99 -19.39
CA LEU A 334 -5.93 -38.94 -20.49
C LEU A 334 -4.93 -37.84 -20.30
N VAL A 335 -5.43 -36.63 -20.09
CA VAL A 335 -4.61 -35.43 -19.98
C VAL A 335 -3.53 -35.61 -18.92
N PHE A 336 -3.92 -36.03 -17.72
CA PHE A 336 -2.98 -36.23 -16.62
C PHE A 336 -1.87 -37.19 -16.99
N SER A 337 -2.23 -38.33 -17.57
CA SER A 337 -1.26 -39.37 -17.91
C SER A 337 -0.32 -38.90 -19.01
N LEU A 338 -0.89 -38.36 -20.08
CA LEU A 338 -0.09 -37.84 -21.19
C LEU A 338 0.75 -36.63 -20.78
N ARG A 339 0.26 -35.84 -19.81
CA ARG A 339 1.04 -34.73 -19.28
C ARG A 339 2.29 -35.29 -18.59
N CYS A 340 2.07 -36.29 -17.75
CA CYS A 340 3.15 -36.97 -17.03
C CYS A 340 4.13 -37.60 -17.99
N TRP A 341 3.59 -38.29 -19.00
CA TRP A 341 4.37 -38.89 -20.07
C TRP A 341 5.33 -37.88 -20.69
N ALA A 342 4.78 -36.71 -21.04
CA ALA A 342 5.57 -35.67 -21.64
C ALA A 342 6.69 -35.21 -20.72
N ARG A 343 6.38 -34.92 -19.46
CA ARG A 343 7.41 -34.50 -18.50
C ARG A 343 8.51 -35.55 -18.39
N VAL A 344 8.11 -36.82 -18.31
CA VAL A 344 9.05 -37.92 -18.16
C VAL A 344 10.04 -37.95 -19.31
N HIS A 345 9.57 -37.78 -20.53
CA HIS A 345 10.42 -37.84 -21.71
C HIS A 345 11.02 -36.49 -22.13
N GLY A 346 10.98 -35.50 -21.23
CA GLY A 346 11.55 -34.18 -21.50
C GLY A 346 10.99 -33.45 -22.71
N LEU A 347 9.74 -33.76 -23.07
CA LEU A 347 9.06 -33.04 -24.15
C LEU A 347 8.54 -31.71 -23.64
N THR A 348 8.20 -31.65 -22.35
CA THR A 348 7.80 -30.40 -21.69
C THR A 348 8.88 -29.95 -20.72
N ASN A 349 8.79 -28.70 -20.29
CA ASN A 349 9.73 -28.12 -19.35
C ASN A 349 9.09 -26.98 -18.56
N SER A 350 9.54 -26.80 -17.32
CA SER A 350 8.99 -25.78 -16.41
C SER A 350 9.34 -24.36 -16.82
N VAL A 351 10.39 -24.19 -17.63
CA VAL A 351 10.74 -22.90 -18.21
C VAL A 351 10.24 -22.81 -19.66
N PRO A 352 9.81 -21.61 -20.11
CA PRO A 352 9.40 -21.47 -21.51
C PRO A 352 10.54 -21.70 -22.50
N GLY A 353 10.18 -22.02 -23.75
CA GLY A 353 11.18 -22.25 -24.79
C GLY A 353 10.63 -22.88 -26.06
N THR A 354 11.46 -23.70 -26.70
CA THR A 354 11.07 -24.38 -27.93
C THR A 354 10.23 -25.63 -27.67
N TRP A 355 10.12 -26.00 -26.39
CA TRP A 355 9.31 -27.16 -25.98
C TRP A 355 7.83 -26.93 -26.24
N ILE A 356 7.06 -28.01 -26.19
CA ILE A 356 5.62 -27.92 -26.16
C ILE A 356 5.20 -27.59 -24.73
N THR A 357 4.18 -26.76 -24.59
CA THR A 357 3.64 -26.41 -23.28
C THR A 357 2.49 -27.33 -22.96
N ASN A 358 2.33 -27.65 -21.67
CA ASN A 358 1.19 -28.44 -21.21
C ASN A 358 -0.13 -27.92 -21.78
N PHE A 359 -0.25 -26.60 -21.92
CA PHE A 359 -1.46 -26.03 -22.50
C PHE A 359 -1.64 -26.47 -23.95
N SER A 360 -0.61 -26.34 -24.76
CA SER A 360 -0.68 -26.80 -26.14
C SER A 360 -0.96 -28.30 -26.17
N LEU A 361 -0.27 -29.06 -25.34
CA LEU A 361 -0.44 -30.50 -25.28
C LEU A 361 -1.85 -30.85 -24.90
N THR A 362 -2.39 -30.09 -23.96
CA THR A 362 -3.77 -30.26 -23.54
C THR A 362 -4.68 -29.97 -24.71
N MET A 363 -4.39 -28.91 -25.45
CA MET A 363 -5.19 -28.55 -26.64
C MET A 363 -5.15 -29.63 -27.71
N MET A 364 -3.98 -30.24 -27.91
CA MET A 364 -3.85 -31.35 -28.85
C MET A 364 -4.73 -32.53 -28.42
N ILE A 365 -4.74 -32.81 -27.12
CA ILE A 365 -5.53 -33.92 -26.59
C ILE A 365 -7.03 -33.67 -26.78
N MET A 366 -7.47 -32.45 -26.52
CA MET A 366 -8.87 -32.10 -26.73
C MET A 366 -9.25 -32.34 -28.18
N PHE A 367 -8.38 -31.89 -29.08
CA PHE A 367 -8.57 -32.11 -30.50
C PHE A 367 -8.76 -33.59 -30.78
N PHE A 368 -7.81 -34.39 -30.31
CA PHE A 368 -7.85 -35.85 -30.46
C PHE A 368 -9.21 -36.42 -30.05
N LEU A 369 -9.72 -35.96 -28.92
CA LEU A 369 -10.99 -36.43 -28.38
C LEU A 369 -12.19 -35.93 -29.19
N GLN A 370 -12.02 -34.80 -29.88
CA GLN A 370 -13.05 -34.31 -30.80
C GLN A 370 -13.18 -35.21 -32.03
N LYS A 371 -12.08 -35.84 -32.42
CA LYS A 371 -12.03 -36.64 -33.66
C LYS A 371 -12.34 -38.12 -33.46
N ARG A 372 -12.99 -38.47 -32.36
CA ARG A 372 -13.39 -39.86 -32.13
C ARG A 372 -14.68 -40.15 -32.86
N SER A 373 -15.00 -41.44 -32.99
CA SER A 373 -16.21 -41.90 -33.65
C SER A 373 -17.06 -42.74 -32.71
N PRO A 374 -18.07 -42.13 -32.07
CA PRO A 374 -18.43 -40.73 -32.15
C PRO A 374 -17.53 -39.87 -31.25
N PRO A 375 -17.56 -38.53 -31.42
CA PRO A 375 -16.72 -37.66 -30.60
C PRO A 375 -17.02 -37.80 -29.10
N ILE A 376 -15.97 -37.67 -28.28
CA ILE A 376 -16.12 -37.74 -26.82
C ILE A 376 -16.50 -36.37 -26.26
N ILE A 377 -15.97 -35.31 -26.86
CA ILE A 377 -16.38 -33.95 -26.53
C ILE A 377 -16.78 -33.19 -27.79
N PRO A 378 -17.74 -32.26 -27.66
CA PRO A 378 -18.19 -31.49 -28.81
C PRO A 378 -17.16 -30.45 -29.23
N THR A 379 -17.28 -29.99 -30.47
CA THR A 379 -16.43 -28.91 -30.97
C THR A 379 -16.81 -27.61 -30.26
N LEU A 380 -15.99 -26.59 -30.41
CA LEU A 380 -16.29 -25.31 -29.78
C LEU A 380 -17.52 -24.68 -30.42
N ASP A 381 -17.62 -24.82 -31.75
CA ASP A 381 -18.79 -24.33 -32.48
C ASP A 381 -20.08 -25.03 -32.04
N GLN A 382 -19.99 -26.33 -31.76
CA GLN A 382 -21.15 -27.07 -31.23
C GLN A 382 -21.63 -26.50 -29.90
N LEU A 383 -20.71 -25.94 -29.12
CA LEU A 383 -21.05 -25.29 -27.86
C LEU A 383 -21.67 -23.91 -28.15
N LYS A 384 -20.98 -23.12 -28.95
CA LYS A 384 -21.47 -21.79 -29.36
C LYS A 384 -22.93 -21.82 -29.82
N GLU A 385 -23.31 -22.86 -30.56
CA GLU A 385 -24.69 -23.03 -31.03
C GLU A 385 -25.68 -23.22 -29.89
N LEU A 386 -25.25 -23.92 -28.84
CA LEU A 386 -26.11 -24.22 -27.68
C LEU A 386 -26.20 -23.06 -26.67
N ALA A 387 -25.38 -22.03 -26.86
CA ALA A 387 -25.35 -20.88 -25.95
C ALA A 387 -26.59 -20.00 -26.12
N ASP A 388 -27.09 -19.47 -25.00
CA ASP A 388 -28.18 -18.48 -25.02
C ASP A 388 -27.59 -17.06 -24.89
N GLU A 389 -28.45 -16.05 -24.92
CA GLU A 389 -28.02 -14.66 -24.82
C GLU A 389 -27.27 -14.39 -23.51
N LYS A 390 -27.67 -15.10 -22.45
CA LYS A 390 -26.98 -15.05 -21.15
C LYS A 390 -25.48 -15.35 -21.28
N ASP A 391 -25.14 -16.32 -22.13
CA ASP A 391 -23.75 -16.74 -22.30
C ASP A 391 -23.04 -16.08 -23.49
N LYS A 392 -23.59 -14.97 -23.99
CA LYS A 392 -22.95 -14.24 -25.08
C LYS A 392 -21.80 -13.40 -24.54
N HIS A 393 -20.58 -13.71 -24.97
CA HIS A 393 -19.39 -12.93 -24.61
C HIS A 393 -18.61 -12.64 -25.88
N VAL A 394 -18.32 -11.37 -26.15
CA VAL A 394 -17.60 -10.98 -27.36
C VAL A 394 -16.46 -10.02 -26.98
N ILE A 395 -15.23 -10.46 -27.21
CA ILE A 395 -14.05 -9.77 -26.69
C ILE A 395 -13.04 -9.54 -27.81
N GLY A 396 -12.48 -8.33 -27.86
CA GLY A 396 -11.47 -7.94 -28.85
C GLY A 396 -11.88 -8.16 -30.30
N GLY A 397 -13.18 -8.10 -30.58
CA GLY A 397 -13.71 -8.34 -31.92
C GLY A 397 -14.28 -9.73 -32.13
N TYR A 398 -13.68 -10.73 -31.47
CA TYR A 398 -14.00 -12.15 -31.70
C TYR A 398 -15.06 -12.70 -30.74
N ASP A 399 -16.01 -13.47 -31.29
CA ASP A 399 -17.10 -14.05 -30.52
C ASP A 399 -16.62 -15.26 -29.70
N CYS A 400 -16.41 -15.03 -28.40
CA CYS A 400 -15.95 -16.07 -27.48
C CYS A 400 -17.12 -16.67 -26.71
N SER A 401 -18.24 -16.88 -27.40
CA SER A 401 -19.46 -17.36 -26.76
C SER A 401 -19.51 -18.88 -26.74
N PHE A 402 -19.92 -19.44 -25.62
CA PHE A 402 -20.25 -20.85 -25.53
C PHE A 402 -21.05 -21.15 -24.27
N VAL A 403 -21.64 -22.33 -24.22
CA VAL A 403 -22.57 -22.69 -23.14
C VAL A 403 -21.88 -22.73 -21.80
N SER A 404 -22.64 -22.44 -20.75
CA SER A 404 -22.15 -22.54 -19.37
C SER A 404 -22.77 -23.74 -18.64
N ASP A 405 -24.05 -24.01 -18.88
CA ASP A 405 -24.74 -25.15 -18.27
C ASP A 405 -24.38 -26.47 -18.96
N LEU A 406 -23.96 -27.47 -18.19
CA LEU A 406 -23.52 -28.75 -18.75
C LEU A 406 -24.65 -29.68 -19.17
N SER A 407 -25.83 -29.51 -18.59
CA SER A 407 -26.99 -30.35 -18.90
C SER A 407 -27.47 -30.13 -20.33
N LYS A 408 -27.19 -28.95 -20.89
CA LYS A 408 -27.58 -28.60 -22.26
C LYS A 408 -26.87 -29.44 -23.32
N ILE A 409 -25.70 -29.98 -22.96
CA ILE A 409 -24.90 -30.79 -23.87
C ILE A 409 -25.33 -32.25 -23.79
N LYS A 410 -25.46 -32.89 -24.96
CA LYS A 410 -25.87 -34.29 -25.04
C LYS A 410 -24.69 -35.17 -24.64
N PRO A 411 -24.87 -36.04 -23.63
CA PRO A 411 -23.79 -36.97 -23.24
C PRO A 411 -23.25 -37.79 -24.41
N THR A 412 -21.94 -38.01 -24.42
CA THR A 412 -21.29 -38.72 -25.52
C THR A 412 -21.67 -40.20 -25.57
N LYS A 413 -22.00 -40.68 -26.77
CA LYS A 413 -22.28 -42.10 -26.99
C LYS A 413 -20.99 -42.94 -26.97
N ASN A 414 -19.86 -42.34 -27.30
CA ASN A 414 -18.57 -43.05 -27.36
C ASN A 414 -18.29 -43.88 -26.10
N THR A 415 -17.80 -45.10 -26.29
CA THR A 415 -17.55 -46.03 -25.18
C THR A 415 -16.12 -46.56 -25.18
N GLU A 416 -15.23 -45.92 -25.94
CA GLU A 416 -13.85 -46.39 -26.03
C GLU A 416 -13.22 -46.42 -24.64
N THR A 417 -12.45 -47.47 -24.36
CA THR A 417 -11.70 -47.55 -23.11
C THR A 417 -10.43 -46.71 -23.25
N LEU A 418 -9.79 -46.45 -22.12
CA LEU A 418 -8.55 -45.68 -22.12
C LEU A 418 -7.43 -46.50 -22.78
N ASP A 419 -7.40 -47.79 -22.49
CA ASP A 419 -6.48 -48.73 -23.16
C ASP A 419 -6.31 -48.33 -24.61
N GLU A 420 -7.43 -48.18 -25.30
CA GLU A 420 -7.41 -47.81 -26.71
C GLU A 420 -7.01 -46.35 -26.88
N LEU A 421 -7.71 -45.45 -26.18
CA LEU A 421 -7.51 -44.02 -26.36
C LEU A 421 -6.07 -43.58 -26.12
N LEU A 422 -5.41 -44.19 -25.14
CA LEU A 422 -4.00 -43.87 -24.89
C LEU A 422 -3.12 -44.25 -26.08
N CYS A 423 -3.24 -45.50 -26.51
CA CYS A 423 -2.45 -45.96 -27.64
C CYS A 423 -2.82 -45.20 -28.91
N ASP A 424 -4.12 -45.08 -29.17
CA ASP A 424 -4.63 -44.37 -30.36
C ASP A 424 -4.08 -42.96 -30.45
N PHE A 425 -3.94 -42.31 -29.30
CA PHE A 425 -3.42 -40.96 -29.24
C PHE A 425 -2.00 -40.91 -29.79
N PHE A 426 -1.16 -41.82 -29.30
CA PHE A 426 0.22 -41.90 -29.77
C PHE A 426 0.24 -42.24 -31.27
N GLN A 427 -0.53 -43.24 -31.65
CA GLN A 427 -0.68 -43.62 -33.06
C GLN A 427 -1.11 -42.42 -33.90
N TYR A 428 -2.18 -41.75 -33.47
CA TYR A 428 -2.79 -40.67 -34.23
C TYR A 428 -1.81 -39.56 -34.54
N PHE A 429 -1.18 -39.04 -33.49
CA PHE A 429 -0.25 -37.94 -33.66
C PHE A 429 1.09 -38.42 -34.18
N GLY A 430 1.43 -39.68 -33.89
CA GLY A 430 2.63 -40.30 -34.44
C GLY A 430 2.63 -40.26 -35.97
N ASN A 431 1.46 -40.46 -36.58
CA ASN A 431 1.33 -40.47 -38.03
C ASN A 431 0.58 -39.26 -38.55
N PHE A 432 0.57 -38.19 -37.77
CA PHE A 432 -0.11 -36.95 -38.15
C PHE A 432 0.81 -36.15 -39.07
N ASP A 433 0.24 -35.51 -40.07
CA ASP A 433 1.03 -34.71 -41.02
C ASP A 433 1.08 -33.27 -40.56
N PHE A 434 2.07 -32.95 -39.73
CA PHE A 434 2.18 -31.63 -39.12
C PHE A 434 2.62 -30.53 -40.09
N ARG A 435 3.26 -30.91 -41.18
CA ARG A 435 3.72 -29.95 -42.20
C ARG A 435 2.53 -29.48 -43.05
N LYS A 436 1.60 -30.37 -43.31
CA LYS A 436 0.45 -30.08 -44.17
C LYS A 436 -0.80 -29.66 -43.39
N ASN A 437 -0.90 -30.03 -42.11
CA ASN A 437 -2.12 -29.81 -41.33
C ASN A 437 -1.94 -29.04 -40.01
N SER A 438 -3.02 -28.39 -39.59
CA SER A 438 -3.10 -27.68 -38.32
C SER A 438 -4.37 -28.08 -37.56
N LEU A 439 -4.37 -27.86 -36.25
CA LEU A 439 -5.47 -28.30 -35.40
C LEU A 439 -6.46 -27.16 -35.13
N ASN A 440 -7.67 -27.29 -35.68
CA ASN A 440 -8.75 -26.35 -35.37
C ASN A 440 -9.77 -27.00 -34.45
N LEU A 441 -9.89 -26.46 -33.23
CA LEU A 441 -10.82 -26.99 -32.22
C LEU A 441 -12.23 -26.41 -32.35
N ARG A 442 -12.38 -25.31 -33.09
CA ARG A 442 -13.70 -24.75 -33.37
C ARG A 442 -14.49 -25.69 -34.27
N LYS A 443 -13.86 -26.12 -35.36
CA LYS A 443 -14.48 -27.00 -36.35
C LYS A 443 -14.29 -28.48 -36.00
N GLY A 444 -13.21 -28.79 -35.28
CA GLY A 444 -12.86 -30.16 -34.96
C GLY A 444 -12.33 -30.91 -36.17
N LYS A 445 -11.56 -30.20 -36.99
CA LYS A 445 -11.06 -30.75 -38.24
C LYS A 445 -9.61 -30.32 -38.49
N GLU A 446 -8.89 -31.10 -39.29
CA GLU A 446 -7.56 -30.72 -39.73
C GLU A 446 -7.72 -29.73 -40.86
N VAL A 447 -6.96 -28.64 -40.85
CA VAL A 447 -7.11 -27.58 -41.84
C VAL A 447 -5.76 -27.11 -42.36
N ASN A 448 -5.78 -26.28 -43.38
CA ASN A 448 -4.55 -25.70 -43.93
C ASN A 448 -3.97 -24.69 -42.96
N LYS A 449 -2.65 -24.58 -42.95
CA LYS A 449 -1.95 -23.75 -41.98
C LYS A 449 -1.90 -22.30 -42.44
N PRO A 450 -2.55 -21.38 -41.68
CA PRO A 450 -2.46 -19.94 -42.02
C PRO A 450 -1.07 -19.31 -41.83
N GLU A 451 -0.12 -20.09 -41.31
CA GLU A 451 1.27 -19.67 -41.19
C GLU A 451 2.13 -20.87 -41.57
N SER A 452 3.44 -20.69 -41.63
CA SER A 452 4.37 -21.78 -41.87
C SER A 452 5.19 -22.06 -40.61
N SER A 453 4.48 -22.36 -39.53
CA SER A 453 5.07 -22.82 -38.27
C SER A 453 5.05 -24.36 -38.28
N PRO A 454 5.95 -25.03 -37.54
CA PRO A 454 5.96 -26.49 -37.64
C PRO A 454 4.71 -27.12 -37.03
N LEU A 455 4.41 -26.76 -35.79
CA LEU A 455 3.20 -27.20 -35.09
C LEU A 455 2.27 -26.01 -34.99
N TYR A 456 1.14 -26.07 -35.69
CA TYR A 456 0.15 -25.00 -35.63
C TYR A 456 -1.15 -25.47 -34.96
N ILE A 457 -1.51 -24.82 -33.87
CA ILE A 457 -2.79 -25.08 -33.20
C ILE A 457 -3.60 -23.79 -33.12
N TRP A 458 -4.78 -23.81 -33.73
CA TRP A 458 -5.66 -22.66 -33.81
C TRP A 458 -6.14 -22.24 -32.43
N ASN A 459 -5.63 -21.09 -31.97
CA ASN A 459 -6.20 -20.40 -30.83
C ASN A 459 -7.68 -20.17 -31.12
N PRO A 460 -8.56 -20.76 -30.30
CA PRO A 460 -9.99 -20.76 -30.61
C PRO A 460 -10.71 -19.42 -30.40
N PHE A 461 -10.12 -18.52 -29.64
CA PHE A 461 -10.76 -17.25 -29.30
C PHE A 461 -10.11 -16.04 -29.97
N GLU A 462 -9.17 -16.29 -30.88
CA GLU A 462 -8.51 -15.23 -31.64
C GLU A 462 -8.58 -15.56 -33.13
N GLN A 463 -8.43 -14.55 -33.98
CA GLN A 463 -8.43 -14.79 -35.42
C GLN A 463 -6.90 -14.95 -35.42
N ASP A 464 -6.38 -15.89 -36.20
CA ASP A 464 -4.95 -15.94 -36.58
C ASP A 464 -3.88 -15.94 -35.52
N LEU A 465 -3.98 -16.89 -34.62
CA LEU A 465 -2.98 -17.05 -33.57
C LEU A 465 -2.61 -18.51 -33.37
N ASN A 466 -1.32 -18.78 -33.46
CA ASN A 466 -0.78 -20.09 -33.18
C ASN A 466 -0.37 -20.14 -31.73
N ILE A 467 -0.91 -21.10 -30.97
CA ILE A 467 -0.58 -21.21 -29.54
C ILE A 467 0.73 -21.97 -29.36
N SER A 468 1.10 -22.74 -30.38
CA SER A 468 2.35 -23.49 -30.38
C SER A 468 3.31 -22.86 -31.38
N LYS A 469 3.27 -21.54 -31.47
CA LYS A 469 4.11 -20.77 -32.38
C LYS A 469 5.57 -20.94 -31.94
N ASN A 470 5.78 -21.00 -30.62
CA ASN A 470 7.09 -21.21 -30.02
C ASN A 470 7.78 -22.54 -30.35
N VAL A 471 7.01 -23.52 -30.78
CA VAL A 471 7.54 -24.86 -31.01
C VAL A 471 8.28 -24.92 -32.34
N ASN A 472 9.55 -25.35 -32.27
CA ASN A 472 10.40 -25.51 -33.44
C ASN A 472 10.33 -26.93 -34.03
N GLN A 473 11.05 -27.15 -35.13
CA GLN A 473 11.06 -28.47 -35.77
C GLN A 473 11.75 -29.54 -34.91
N PRO A 474 13.01 -29.29 -34.47
CA PRO A 474 13.69 -30.32 -33.67
C PRO A 474 12.82 -30.92 -32.57
N GLN A 475 12.18 -30.04 -31.79
CA GLN A 475 11.36 -30.48 -30.65
C GLN A 475 10.15 -31.27 -31.12
N LEU A 476 9.41 -30.73 -32.09
CA LEU A 476 8.26 -31.44 -32.66
C LEU A 476 8.63 -32.86 -33.06
N GLU A 477 9.73 -32.98 -33.80
CA GLU A 477 10.19 -34.28 -34.27
C GLU A 477 10.42 -35.25 -33.12
N LYS A 478 10.94 -34.75 -32.00
CA LYS A 478 11.20 -35.61 -30.84
C LYS A 478 9.89 -36.11 -30.23
N PHE A 479 8.87 -35.25 -30.22
CA PHE A 479 7.53 -35.63 -29.76
C PHE A 479 7.01 -36.79 -30.60
N VAL A 480 7.02 -36.61 -31.91
CA VAL A 480 6.56 -37.64 -32.84
C VAL A 480 7.33 -38.95 -32.64
N ALA A 481 8.64 -38.86 -32.48
CA ALA A 481 9.46 -40.04 -32.25
C ALA A 481 8.99 -40.73 -30.97
N MET A 482 8.94 -39.94 -29.89
CA MET A 482 8.52 -40.46 -28.59
C MET A 482 7.12 -41.07 -28.63
N ALA A 483 6.21 -40.44 -29.36
CA ALA A 483 4.86 -40.98 -29.53
C ALA A 483 4.93 -42.33 -30.26
N ARG A 484 5.65 -42.36 -31.38
CA ARG A 484 5.75 -43.57 -32.19
C ARG A 484 6.42 -44.72 -31.45
N GLU A 485 7.43 -44.41 -30.64
CA GLU A 485 8.01 -45.42 -29.78
C GLU A 485 6.94 -45.87 -28.78
N SER A 486 6.28 -44.91 -28.16
CA SER A 486 5.30 -45.19 -27.11
C SER A 486 4.17 -46.09 -27.62
N ALA A 487 3.69 -45.81 -28.82
CA ALA A 487 2.65 -46.64 -29.44
C ALA A 487 3.19 -48.04 -29.67
N TRP A 488 4.35 -48.13 -30.33
CA TRP A 488 4.96 -49.43 -30.66
C TRP A 488 5.05 -50.32 -29.44
N ILE A 489 5.49 -49.75 -28.33
CA ILE A 489 5.60 -50.49 -27.08
C ILE A 489 4.23 -51.05 -26.71
N LEU A 490 3.25 -50.15 -26.52
CA LEU A 490 1.90 -50.55 -26.13
C LEU A 490 1.29 -51.60 -27.07
N GLN A 491 1.45 -51.40 -28.38
CA GLN A 491 0.91 -52.35 -29.36
C GLN A 491 1.54 -53.72 -29.17
N LYS A 492 2.87 -53.79 -29.27
CA LYS A 492 3.57 -55.06 -29.28
C LYS A 492 4.22 -55.41 -27.95
N GLU A 493 3.46 -55.36 -26.85
CA GLU A 493 3.97 -55.77 -25.53
C GLU A 493 3.12 -56.89 -24.94
N ASP A 494 3.79 -57.80 -24.22
CA ASP A 494 3.15 -58.93 -23.58
C ASP A 494 2.81 -58.55 -22.14
N LYS A 495 1.61 -58.04 -21.93
CA LYS A 495 1.21 -57.51 -20.62
C LYS A 495 1.28 -58.56 -19.52
N THR A 496 0.55 -59.66 -19.72
CA THR A 496 0.52 -60.76 -18.75
C THR A 496 1.92 -61.25 -18.36
N GLN A 497 2.81 -61.35 -19.34
CA GLN A 497 4.16 -61.87 -19.11
C GLN A 497 5.06 -60.87 -18.38
N GLN A 498 4.82 -59.58 -18.59
CA GLN A 498 5.60 -58.53 -17.93
C GLN A 498 5.24 -58.44 -16.44
N MET A 499 3.96 -58.65 -16.12
CA MET A 499 3.51 -58.68 -14.73
C MET A 499 4.21 -59.82 -13.98
N ILE A 500 4.21 -60.99 -14.61
CA ILE A 500 4.88 -62.18 -14.11
C ILE A 500 6.38 -61.90 -13.89
N ASN A 501 7.01 -61.22 -14.84
CA ASN A 501 8.44 -60.88 -14.72
C ASN A 501 8.75 -59.80 -13.70
N LYS A 502 7.72 -59.18 -13.10
CA LYS A 502 7.82 -57.98 -12.23
C LYS A 502 8.14 -56.66 -12.98
N GLU A 503 8.48 -56.74 -14.27
CA GLU A 503 8.83 -55.57 -15.08
C GLU A 503 7.61 -54.67 -15.37
N PRO A 504 7.85 -53.46 -15.92
CA PRO A 504 6.75 -52.53 -16.19
C PRO A 504 5.90 -52.87 -17.41
N TRP A 505 4.69 -52.33 -17.46
CA TRP A 505 3.74 -52.62 -18.53
C TRP A 505 2.65 -51.54 -18.66
N GLY A 506 2.08 -51.44 -19.85
CA GLY A 506 1.02 -50.46 -20.12
C GLY A 506 1.48 -49.04 -19.92
N LEU A 507 0.77 -48.29 -19.07
CA LEU A 507 1.11 -46.91 -18.79
C LEU A 507 2.51 -46.79 -18.20
N ALA A 508 2.87 -47.72 -17.33
CA ALA A 508 4.20 -47.71 -16.71
C ALA A 508 5.30 -47.82 -17.76
N ALA A 509 5.07 -48.63 -18.78
CA ALA A 509 6.07 -48.86 -19.83
C ALA A 509 6.38 -47.59 -20.63
N VAL A 510 5.41 -46.68 -20.68
CA VAL A 510 5.60 -45.41 -21.36
C VAL A 510 5.88 -44.27 -20.38
N LEU A 511 5.84 -44.54 -19.08
CA LEU A 511 6.22 -43.53 -18.09
C LEU A 511 7.61 -43.76 -17.51
N ILE A 512 8.39 -44.61 -18.17
CA ILE A 512 9.83 -44.72 -17.89
C ILE A 512 10.60 -44.28 -19.14
N PRO A 513 11.80 -43.69 -18.96
CA PRO A 513 12.50 -43.14 -20.12
C PRO A 513 12.99 -44.24 -21.05
N PHE A 514 13.27 -43.88 -22.31
CA PHE A 514 13.74 -44.84 -23.31
C PHE A 514 15.23 -44.66 -23.56
N ARG B 37 -5.74 29.88 32.46
CA ARG B 37 -6.56 28.76 31.95
C ARG B 37 -6.32 28.54 30.44
N LYS B 38 -5.23 27.82 30.12
CA LYS B 38 -4.93 27.39 28.75
C LYS B 38 -4.92 25.84 28.68
N LYS B 39 -4.80 25.29 27.47
CA LYS B 39 -4.91 23.84 27.24
C LYS B 39 -3.57 23.26 26.80
N THR B 40 -3.29 21.99 27.14
CA THR B 40 -2.02 21.35 26.79
C THR B 40 -1.90 21.17 25.28
N PHE B 41 -0.65 21.24 24.81
CA PHE B 41 -0.33 20.95 23.43
C PHE B 41 -1.06 19.70 22.95
N THR B 42 -0.95 18.64 23.75
CA THR B 42 -1.53 17.34 23.41
C THR B 42 -3.07 17.42 23.33
N GLU B 43 -3.68 18.19 24.22
CA GLU B 43 -5.11 18.47 24.14
C GLU B 43 -5.45 19.12 22.81
N VAL B 44 -4.85 20.28 22.55
CA VAL B 44 -5.15 21.08 21.36
C VAL B 44 -5.05 20.23 20.09
N GLN B 45 -3.94 19.49 19.96
CA GLN B 45 -3.74 18.56 18.84
C GLN B 45 -4.93 17.64 18.61
N THR B 46 -5.45 17.07 19.69
CA THR B 46 -6.52 16.09 19.59
C THR B 46 -7.84 16.71 19.08
N GLU B 47 -8.20 17.86 19.66
CA GLU B 47 -9.39 18.59 19.24
C GLU B 47 -9.28 19.02 17.76
N ARG B 48 -8.09 19.48 17.36
CA ARG B 48 -7.86 19.91 16.00
C ARG B 48 -8.03 18.75 15.03
N LEU B 49 -7.41 17.62 15.35
CA LEU B 49 -7.50 16.41 14.55
C LEU B 49 -8.94 15.91 14.46
N GLU B 50 -9.63 15.92 15.59
CA GLU B 50 -11.03 15.50 15.67
C GLU B 50 -11.94 16.33 14.74
N GLN B 51 -11.63 17.62 14.63
CA GLN B 51 -12.39 18.53 13.77
C GLN B 51 -12.06 18.32 12.29
N ALA B 52 -10.77 18.21 11.99
CA ALA B 52 -10.33 17.92 10.63
C ALA B 52 -10.89 16.57 10.19
N ASP B 53 -11.07 15.68 11.15
CA ASP B 53 -11.60 14.35 10.91
C ASP B 53 -12.99 14.39 10.27
N ARG B 54 -13.77 15.41 10.60
CA ARG B 54 -15.14 15.59 10.07
C ARG B 54 -15.24 16.80 9.15
N SER B 55 -14.24 16.94 8.26
CA SER B 55 -14.16 18.07 7.35
C SER B 55 -13.88 17.57 5.94
N VAL B 56 -14.32 18.32 4.94
CA VAL B 56 -14.06 17.98 3.54
C VAL B 56 -13.61 19.20 2.74
N LEU B 57 -13.25 18.97 1.49
CA LEU B 57 -12.87 20.05 0.58
C LEU B 57 -13.70 20.00 -0.68
N ILE B 58 -14.24 21.15 -1.07
CA ILE B 58 -15.09 21.21 -2.24
C ILE B 58 -14.51 22.23 -3.21
N LYS B 59 -14.15 21.76 -4.39
CA LYS B 59 -13.81 22.64 -5.51
C LYS B 59 -15.13 23.24 -5.99
N CYS B 60 -15.21 24.57 -6.02
CA CYS B 60 -16.47 25.22 -6.27
C CYS B 60 -16.65 25.53 -7.75
N PRO B 61 -17.91 25.76 -8.16
CA PRO B 61 -18.20 26.22 -9.52
C PRO B 61 -17.64 27.61 -9.82
N SER B 62 -17.51 27.94 -11.10
CA SER B 62 -17.00 29.25 -11.54
C SER B 62 -17.92 30.35 -11.05
N LYS B 63 -19.21 30.24 -11.40
CA LYS B 63 -20.24 31.08 -10.82
C LYS B 63 -20.72 30.37 -9.55
N LEU B 64 -20.32 30.90 -8.40
CA LEU B 64 -20.59 30.29 -7.11
C LEU B 64 -21.61 31.10 -6.33
N ASN B 65 -22.68 30.45 -5.91
CA ASN B 65 -23.59 31.03 -4.93
C ASN B 65 -23.28 30.46 -3.55
N GLU B 66 -22.66 31.28 -2.70
CA GLU B 66 -22.33 30.86 -1.35
C GLU B 66 -23.53 30.24 -0.65
N LYS B 67 -24.62 31.00 -0.59
CA LYS B 67 -25.79 30.59 0.18
C LYS B 67 -26.36 29.24 -0.26
N LYS B 68 -26.64 29.09 -1.55
CA LYS B 68 -27.25 27.86 -2.06
C LYS B 68 -26.37 26.65 -1.75
N LEU B 69 -25.06 26.84 -1.82
CA LEU B 69 -24.11 25.77 -1.52
C LEU B 69 -24.24 25.32 -0.07
N LEU B 70 -24.10 26.25 0.85
CA LEU B 70 -24.19 25.94 2.28
C LEU B 70 -25.57 25.42 2.64
N GLN B 71 -26.61 26.06 2.09
CA GLN B 71 -27.99 25.58 2.24
C GLN B 71 -28.11 24.13 1.83
N TYR B 72 -27.57 23.79 0.66
CA TYR B 72 -27.59 22.42 0.17
C TYR B 72 -26.86 21.51 1.14
N LEU B 73 -25.60 21.83 1.38
CA LEU B 73 -24.71 20.99 2.18
C LEU B 73 -25.29 20.73 3.58
N SER B 74 -25.94 21.75 4.14
CA SER B 74 -26.53 21.67 5.49
C SER B 74 -27.55 20.54 5.56
N SER B 75 -28.14 20.17 4.43
CA SER B 75 -29.06 19.04 4.36
C SER B 75 -28.42 17.75 4.87
N HIS B 76 -27.13 17.58 4.61
CA HIS B 76 -26.40 16.39 5.05
C HIS B 76 -26.01 16.43 6.53
N GLY B 77 -25.92 17.64 7.10
CA GLY B 77 -25.64 17.80 8.52
C GLY B 77 -25.41 19.25 8.91
N LYS B 78 -25.31 19.50 10.20
CA LYS B 78 -25.01 20.84 10.74
C LYS B 78 -23.56 21.18 10.42
N ILE B 79 -23.29 22.47 10.19
CA ILE B 79 -21.94 22.93 9.84
C ILE B 79 -21.38 23.87 10.90
N ASP B 80 -20.36 23.41 11.63
CA ASP B 80 -19.68 24.22 12.65
C ASP B 80 -18.90 25.39 12.05
N ASN B 81 -18.13 25.11 11.00
CA ASN B 81 -17.28 26.12 10.37
C ASN B 81 -17.16 25.93 8.87
N TYR B 82 -16.78 26.99 8.19
CA TYR B 82 -16.46 26.89 6.77
C TYR B 82 -15.72 28.14 6.30
N PHE B 83 -14.97 27.99 5.20
CA PHE B 83 -14.35 29.14 4.58
C PHE B 83 -13.96 28.83 3.14
N PHE B 84 -13.60 29.86 2.40
CA PHE B 84 -13.23 29.74 1.00
C PHE B 84 -11.82 30.26 0.82
N PHE B 85 -11.10 29.69 -0.15
CA PHE B 85 -9.77 30.18 -0.48
C PHE B 85 -9.43 29.94 -1.94
N GLU B 86 -8.54 30.76 -2.46
CA GLU B 86 -8.16 30.73 -3.87
C GLU B 86 -6.96 29.81 -4.06
N ASN B 87 -7.08 28.84 -4.95
CA ASN B 87 -5.97 27.99 -5.32
C ASN B 87 -6.25 27.26 -6.61
N ARG B 88 -5.83 27.85 -7.72
CA ARG B 88 -6.15 27.35 -9.05
C ARG B 88 -7.68 27.18 -9.17
N GLY B 89 -8.42 28.14 -8.61
CA GLY B 89 -9.87 28.05 -8.53
C GLY B 89 -10.33 28.21 -7.09
N ILE B 90 -11.64 28.41 -6.91
CA ILE B 90 -12.20 28.62 -5.59
C ILE B 90 -12.46 27.28 -4.92
N HIS B 91 -11.70 26.99 -3.87
CA HIS B 91 -11.96 25.83 -3.02
C HIS B 91 -12.56 26.28 -1.71
N ALA B 92 -13.22 25.36 -1.00
CA ALA B 92 -13.92 25.66 0.24
C ALA B 92 -13.79 24.53 1.25
N LEU B 93 -13.44 24.86 2.48
CA LEU B 93 -13.34 23.87 3.56
C LEU B 93 -14.60 23.87 4.37
N ILE B 94 -15.19 22.69 4.53
CA ILE B 94 -16.43 22.54 5.27
C ILE B 94 -16.18 21.64 6.46
N GLU B 95 -16.42 22.15 7.65
CA GLU B 95 -16.27 21.38 8.88
C GLU B 95 -17.66 21.06 9.45
N PHE B 96 -18.11 19.84 9.24
CA PHE B 96 -19.39 19.40 9.79
C PHE B 96 -19.29 19.16 11.28
N SER B 97 -20.42 19.28 11.97
CA SER B 97 -20.49 19.01 13.40
C SER B 97 -20.43 17.52 13.69
N GLU B 98 -20.84 16.70 12.73
CA GLU B 98 -20.89 15.24 12.88
C GLU B 98 -20.06 14.55 11.81
N LYS B 99 -19.32 13.51 12.18
CA LYS B 99 -18.56 12.71 11.20
C LYS B 99 -19.49 11.99 10.21
N SER B 100 -20.71 11.69 10.67
CA SER B 100 -21.73 11.03 9.87
C SER B 100 -22.14 11.85 8.64
N SER B 101 -22.03 13.17 8.72
CA SER B 101 -22.31 14.05 7.59
C SER B 101 -21.41 13.77 6.39
N VAL B 102 -20.19 13.26 6.64
CA VAL B 102 -19.24 12.97 5.57
C VAL B 102 -19.72 11.76 4.79
N ALA B 103 -20.15 10.73 5.50
CA ALA B 103 -20.73 9.54 4.88
C ALA B 103 -21.96 9.93 4.07
N SER B 104 -22.85 10.68 4.73
CA SER B 104 -24.06 11.23 4.11
C SER B 104 -23.77 11.89 2.76
N LEU B 105 -22.77 12.76 2.73
CA LEU B 105 -22.41 13.47 1.51
C LEU B 105 -21.80 12.53 0.48
N GLN B 106 -20.92 11.63 0.95
CA GLN B 106 -20.27 10.65 0.08
C GLN B 106 -21.30 9.73 -0.57
N ALA B 107 -22.34 9.41 0.20
CA ALA B 107 -23.42 8.55 -0.28
C ALA B 107 -24.11 9.07 -1.54
N VAL B 108 -24.12 10.40 -1.74
CA VAL B 108 -24.74 11.00 -2.93
C VAL B 108 -23.71 11.52 -3.94
N THR B 109 -22.44 11.16 -3.75
CA THR B 109 -21.38 11.59 -4.65
C THR B 109 -21.05 10.46 -5.60
N GLY B 110 -20.89 10.80 -6.88
CA GLY B 110 -20.60 9.81 -7.91
C GLY B 110 -19.16 9.82 -8.31
N ILE B 111 -18.72 8.76 -9.01
CA ILE B 111 -17.39 8.72 -9.58
C ILE B 111 -17.46 9.44 -10.93
N PRO B 112 -16.42 10.19 -11.31
CA PRO B 112 -16.40 10.84 -12.63
C PRO B 112 -16.43 9.86 -13.82
N LYS B 113 -17.64 9.64 -14.36
CA LYS B 113 -17.83 8.84 -15.58
C LYS B 113 -17.30 9.60 -16.80
N HIS B 118 -9.46 4.70 -16.75
CA HIS B 118 -9.85 6.09 -16.57
C HIS B 118 -9.15 6.69 -15.35
N VAL B 119 -9.65 6.38 -14.15
CA VAL B 119 -9.15 6.97 -12.89
C VAL B 119 -8.90 5.92 -11.83
N VAL B 120 -8.22 6.32 -10.75
CA VAL B 120 -8.02 5.45 -9.60
C VAL B 120 -9.13 5.70 -8.60
N PRO B 121 -10.04 4.72 -8.43
CA PRO B 121 -11.28 4.94 -7.70
C PRO B 121 -11.13 4.94 -6.17
N TYR B 122 -10.08 5.60 -5.65
CA TYR B 122 -9.92 5.78 -4.22
C TYR B 122 -10.83 6.91 -3.78
N LYS B 123 -11.80 6.61 -2.93
CA LYS B 123 -12.75 7.62 -2.48
C LYS B 123 -12.23 8.29 -1.21
N SER B 124 -12.22 9.62 -1.22
CA SER B 124 -11.82 10.37 -0.02
C SER B 124 -12.70 11.61 0.11
N ARG B 125 -12.21 12.61 0.84
CA ARG B 125 -13.00 13.79 1.15
C ARG B 125 -12.68 14.98 0.26
N LEU B 126 -12.32 14.71 -1.00
CA LEU B 126 -12.11 15.76 -2.00
C LEU B 126 -13.21 15.69 -3.05
N PHE B 127 -14.05 16.71 -3.06
CA PHE B 127 -15.23 16.74 -3.92
C PHE B 127 -15.15 17.84 -4.95
N THR B 128 -15.82 17.62 -6.07
CA THR B 128 -15.89 18.61 -7.14
C THR B 128 -17.35 18.86 -7.51
N PHE B 129 -17.80 20.08 -7.23
CA PHE B 129 -19.20 20.47 -7.43
C PHE B 129 -19.32 21.27 -8.71
N THR B 130 -20.28 20.92 -9.56
CA THR B 130 -20.65 21.75 -10.71
C THR B 130 -22.16 21.92 -10.84
N LEU B 131 -22.57 22.92 -11.62
CA LEU B 131 -23.97 23.21 -11.87
C LEU B 131 -24.51 22.26 -12.93
N LYS B 132 -25.72 21.77 -12.73
CA LYS B 132 -26.36 20.93 -13.74
C LYS B 132 -26.58 21.72 -15.03
N ASN B 133 -27.18 22.90 -14.89
CA ASN B 133 -27.42 23.83 -16.01
C ASN B 133 -26.61 25.08 -15.82
N PRO B 134 -25.39 25.14 -16.41
CA PRO B 134 -24.54 26.33 -16.30
C PRO B 134 -25.17 27.61 -16.86
N GLY B 135 -25.86 27.47 -17.99
CA GLY B 135 -26.21 28.62 -18.84
C GLY B 135 -27.61 29.14 -18.66
N SER B 136 -28.28 28.65 -17.63
CA SER B 136 -29.61 29.12 -17.30
C SER B 136 -29.56 29.86 -15.98
N GLN B 137 -28.37 30.08 -15.46
CA GLN B 137 -28.23 30.82 -14.24
C GLN B 137 -27.69 32.16 -14.64
N ALA B 138 -27.48 33.05 -13.68
CA ALA B 138 -27.11 34.40 -14.01
C ALA B 138 -25.91 34.85 -13.23
N GLU B 140 -26.50 35.56 -9.02
CA GLU B 140 -26.11 34.17 -8.74
C GLU B 140 -24.74 34.24 -8.13
N GLU B 141 -23.83 34.82 -8.90
CA GLU B 141 -22.50 35.12 -8.45
C GLU B 141 -22.41 36.49 -7.78
N ARG B 142 -22.61 36.52 -6.48
CA ARG B 142 -22.14 37.61 -5.66
C ARG B 142 -20.71 37.19 -5.34
N PRO B 143 -19.87 38.18 -4.79
CA PRO B 143 -18.49 37.71 -4.63
C PRO B 143 -18.40 36.91 -3.38
N VAL B 144 -17.21 36.43 -3.05
CA VAL B 144 -17.05 35.61 -1.89
C VAL B 144 -15.87 36.05 -1.10
N LYS B 145 -15.89 35.79 0.20
CA LYS B 145 -14.73 36.19 1.01
C LYS B 145 -13.64 35.12 1.01
N ILE B 146 -12.44 35.52 0.60
CA ILE B 146 -11.34 34.61 0.39
C ILE B 146 -10.38 34.73 1.56
N SER B 147 -10.29 33.69 2.38
CA SER B 147 -9.28 33.63 3.43
C SER B 147 -7.92 33.47 2.76
N PRO B 148 -6.99 34.38 3.08
CA PRO B 148 -5.70 34.34 2.42
C PRO B 148 -4.81 33.29 3.07
N GLN B 149 -4.15 32.49 2.25
CA GLN B 149 -3.33 31.39 2.74
C GLN B 149 -1.83 31.67 2.62
N SER B 150 -1.47 32.85 2.12
CA SER B 150 -0.10 33.29 2.08
C SER B 150 -0.01 34.70 2.66
N HIS B 151 1.16 35.06 3.16
CA HIS B 151 1.38 36.38 3.75
C HIS B 151 1.92 37.33 2.68
N ILE B 152 1.78 38.63 2.94
CA ILE B 152 2.27 39.63 1.99
C ILE B 152 3.79 39.56 1.88
N PRO B 153 4.33 39.95 0.71
CA PRO B 153 5.79 39.98 0.54
C PRO B 153 6.46 40.98 1.47
N VAL B 154 7.78 40.90 1.55
CA VAL B 154 8.53 41.79 2.43
C VAL B 154 8.40 43.24 1.97
N ASN B 155 8.60 43.48 0.68
CA ASN B 155 8.49 44.83 0.11
C ASN B 155 7.13 45.51 0.36
N GLU B 156 6.04 44.74 0.36
CA GLU B 156 4.71 45.27 0.72
C GLU B 156 4.59 45.56 2.22
N LEU B 157 5.35 44.81 3.03
CA LEU B 157 5.32 44.95 4.47
C LEU B 157 6.08 46.20 4.96
N ILE B 158 7.18 46.52 4.30
CA ILE B 158 8.09 47.59 4.76
C ILE B 158 7.37 48.94 4.95
N PRO B 159 6.56 49.36 3.96
CA PRO B 159 5.77 50.56 4.16
C PRO B 159 4.94 50.53 5.45
N LYS B 160 4.15 49.47 5.64
CA LYS B 160 3.29 49.34 6.82
C LYS B 160 4.08 49.49 8.12
N LEU B 161 5.30 48.98 8.13
CA LEU B 161 6.16 49.06 9.31
C LEU B 161 6.61 50.49 9.56
N CYS B 162 6.90 51.22 8.49
CA CYS B 162 7.34 52.60 8.62
C CYS B 162 6.27 53.52 9.20
N HIS B 163 5.00 53.25 8.87
CA HIS B 163 3.87 54.05 9.37
C HIS B 163 3.45 53.73 10.80
N ALA B 164 4.03 52.68 11.39
CA ALA B 164 3.78 52.35 12.78
C ALA B 164 4.38 53.41 13.71
N ASP B 165 4.10 53.29 15.01
CA ASP B 165 4.53 54.29 15.99
C ASP B 165 5.87 53.93 16.63
N SER B 166 5.94 52.73 17.21
CA SER B 166 7.13 52.26 17.91
C SER B 166 7.63 50.99 17.23
N ILE B 167 8.69 50.42 17.77
CA ILE B 167 9.20 49.17 17.22
C ILE B 167 8.28 48.03 17.67
N SER B 168 7.91 48.01 18.95
CA SER B 168 6.98 46.99 19.46
C SER B 168 5.87 46.79 18.44
N SER B 169 5.24 47.89 18.04
CA SER B 169 4.17 47.84 17.06
C SER B 169 4.63 47.17 15.77
N GLN B 170 5.73 47.66 15.20
CA GLN B 170 6.32 47.07 14.00
C GLN B 170 6.42 45.55 14.10
N MET B 171 7.01 45.07 15.19
CA MET B 171 7.21 43.63 15.37
C MET B 171 5.87 42.89 15.46
N TYR B 172 4.90 43.48 16.15
CA TYR B 172 3.57 42.91 16.27
C TYR B 172 2.79 42.97 14.96
N ILE B 173 3.04 43.98 14.14
CA ILE B 173 2.42 44.03 12.81
C ILE B 173 2.89 42.84 12.00
N LEU B 174 4.21 42.72 11.88
CA LEU B 174 4.82 41.61 11.16
C LEU B 174 4.25 40.29 11.67
N LEU B 175 4.32 40.08 12.97
CA LEU B 175 3.79 38.85 13.57
C LEU B 175 2.42 38.51 13.02
N ASN B 176 1.50 39.46 13.10
CA ASN B 176 0.13 39.25 12.64
C ASN B 176 0.07 39.01 11.15
N GLU B 177 0.76 39.83 10.38
CA GLU B 177 0.78 39.67 8.91
C GLU B 177 1.34 38.31 8.46
N TYR B 178 2.14 37.68 9.32
CA TYR B 178 2.84 36.44 8.98
C TYR B 178 2.26 35.17 9.63
N GLN B 179 1.81 35.27 10.87
CA GLN B 179 1.39 34.09 11.62
C GLN B 179 0.26 33.33 10.92
N LEU B 180 0.10 32.07 11.32
CA LEU B 180 -0.93 31.21 10.73
C LEU B 180 -2.30 31.69 11.16
N THR B 181 -3.24 31.70 10.22
CA THR B 181 -4.61 32.06 10.50
C THR B 181 -5.34 30.81 10.93
N GLU B 182 -6.47 30.99 11.61
CA GLU B 182 -7.30 29.87 12.04
C GLU B 182 -7.66 28.98 10.86
N GLU B 183 -8.02 29.60 9.75
CA GLU B 183 -8.39 28.86 8.54
C GLU B 183 -7.21 28.03 8.03
N ASN B 184 -6.05 28.68 7.92
CA ASN B 184 -4.84 28.02 7.46
C ASN B 184 -4.53 26.79 8.28
N ILE B 185 -4.68 26.89 9.60
CA ILE B 185 -4.41 25.77 10.49
C ILE B 185 -5.35 24.61 10.20
N LYS B 186 -6.64 24.89 10.17
CA LYS B 186 -7.64 23.87 9.88
C LYS B 186 -7.27 23.13 8.60
N LEU B 187 -6.76 23.89 7.63
CA LEU B 187 -6.36 23.37 6.33
C LEU B 187 -5.15 22.46 6.44
N ARG B 188 -4.24 22.79 7.34
CA ARG B 188 -3.05 21.97 7.59
C ARG B 188 -3.43 20.64 8.23
N TYR B 189 -4.24 20.70 9.29
CA TYR B 189 -4.68 19.50 9.99
C TYR B 189 -5.46 18.59 9.05
N LEU B 190 -6.27 19.18 8.18
CA LEU B 190 -7.00 18.41 7.20
C LEU B 190 -6.03 17.62 6.32
N ALA B 191 -5.00 18.31 5.82
CA ALA B 191 -4.01 17.70 4.94
C ALA B 191 -3.47 16.44 5.59
N CYS B 192 -3.14 16.53 6.88
CA CYS B 192 -2.69 15.36 7.63
C CYS B 192 -3.77 14.30 7.65
N SER B 193 -5.00 14.74 7.95
CA SER B 193 -6.13 13.83 8.07
C SER B 193 -6.35 13.03 6.79
N LEU B 194 -6.17 13.67 5.65
CA LEU B 194 -6.31 12.98 4.36
C LEU B 194 -5.25 11.91 4.15
N VAL B 195 -4.01 12.24 4.51
CA VAL B 195 -2.90 11.32 4.35
C VAL B 195 -3.12 10.11 5.26
N ARG B 196 -3.67 10.36 6.45
CA ARG B 196 -4.01 9.28 7.38
C ARG B 196 -4.94 8.28 6.72
N ASP B 197 -6.08 8.78 6.24
CA ASP B 197 -7.06 7.94 5.56
C ASP B 197 -6.39 7.16 4.45
N PHE B 198 -5.51 7.83 3.72
CA PHE B 198 -4.77 7.20 2.63
C PHE B 198 -3.86 6.10 3.19
N ALA B 199 -3.13 6.42 4.27
CA ALA B 199 -2.24 5.45 4.89
C ALA B 199 -3.03 4.26 5.41
N ARG B 200 -4.19 4.55 6.00
CA ARG B 200 -5.04 3.51 6.61
C ARG B 200 -5.47 2.43 5.62
N ALA B 201 -5.38 2.73 4.32
CA ALA B 201 -5.60 1.74 3.27
C ALA B 201 -4.76 0.47 3.50
N TYR B 202 -3.51 0.64 3.92
CA TYR B 202 -2.63 -0.49 4.25
C TYR B 202 -2.47 -0.70 5.76
N PHE B 203 -2.58 0.37 6.53
CA PHE B 203 -2.36 0.32 7.98
C PHE B 203 -3.56 0.93 8.70
N PRO B 204 -4.64 0.14 8.86
CA PRO B 204 -5.88 0.67 9.41
C PRO B 204 -5.70 1.46 10.71
N ASP B 205 -4.65 1.15 11.46
CA ASP B 205 -4.40 1.76 12.76
C ASP B 205 -3.43 2.96 12.75
N SER B 206 -3.23 3.59 11.59
CA SER B 206 -2.32 4.75 11.49
C SER B 206 -2.87 6.05 12.11
N THR B 207 -1.98 6.95 12.51
CA THR B 207 -2.33 8.36 12.70
C THR B 207 -1.31 9.19 11.93
N VAL B 208 -1.75 10.33 11.38
CA VAL B 208 -0.85 11.29 10.79
C VAL B 208 -1.05 12.59 11.56
N LYS B 209 0.03 13.06 12.18
CA LYS B 209 0.00 14.22 13.05
C LYS B 209 1.06 15.23 12.63
N PRO B 210 0.69 16.53 12.59
CA PRO B 210 1.70 17.52 12.30
C PRO B 210 2.61 17.81 13.49
N PHE B 211 3.82 18.26 13.18
CA PHE B 211 4.76 18.75 14.17
C PHE B 211 5.53 19.93 13.53
N GLY B 212 6.46 20.50 14.29
CA GLY B 212 7.26 21.61 13.80
C GLY B 212 6.48 22.91 13.78
N SER B 213 6.84 23.80 12.86
CA SER B 213 6.30 25.16 12.83
C SER B 213 4.77 25.14 12.68
N SER B 214 4.26 24.15 11.97
CA SER B 214 2.82 24.02 11.77
C SER B 214 2.04 24.08 13.09
N VAL B 215 2.63 23.56 14.17
CA VAL B 215 1.92 23.42 15.43
C VAL B 215 2.62 24.01 16.65
N ASN B 216 3.83 24.53 16.51
CA ASN B 216 4.60 25.02 17.67
C ASN B 216 4.46 26.52 17.95
N THR B 217 3.52 27.16 17.26
CA THR B 217 3.17 28.60 17.44
C THR B 217 4.05 29.57 16.66
N PHE B 218 5.10 29.06 16.01
CA PHE B 218 6.03 29.90 15.26
C PHE B 218 5.83 29.76 13.75
N GLY B 219 4.77 29.08 13.33
CA GLY B 219 4.53 28.90 11.92
C GLY B 219 4.15 30.18 11.20
N LYS B 220 4.87 30.51 10.14
CA LYS B 220 4.47 31.59 9.24
C LYS B 220 3.70 31.01 8.07
N LEU B 221 2.82 31.79 7.48
CA LEU B 221 2.08 31.34 6.31
C LEU B 221 3.05 30.90 5.22
N GLY B 222 2.62 29.91 4.44
CA GLY B 222 3.42 29.38 3.34
C GLY B 222 4.45 28.32 3.71
N CYS B 223 4.56 28.00 5.00
CA CYS B 223 5.52 27.01 5.45
C CYS B 223 5.03 25.60 5.17
N ASP B 224 5.93 24.62 5.25
CA ASP B 224 5.60 23.23 4.97
C ASP B 224 4.84 22.62 6.13
N VAL B 225 4.05 21.61 5.83
CA VAL B 225 3.36 20.83 6.86
C VAL B 225 4.19 19.59 7.13
N ASP B 226 4.80 19.53 8.31
CA ASP B 226 5.62 18.39 8.68
C ASP B 226 4.76 17.32 9.37
N MET B 227 4.66 16.14 8.75
CA MET B 227 3.79 15.04 9.20
C MET B 227 4.55 13.86 9.75
N PHE B 228 4.13 13.36 10.91
CA PHE B 228 4.68 12.14 11.49
C PHE B 228 3.66 11.02 11.42
N LEU B 229 3.99 9.97 10.68
CA LEU B 229 3.15 8.77 10.63
C LEU B 229 3.42 7.88 11.84
N ASP B 230 2.40 7.70 12.69
CA ASP B 230 2.51 6.89 13.92
C ASP B 230 1.55 5.72 13.97
N PHE B 231 2.02 4.56 14.44
CA PHE B 231 1.17 3.39 14.61
C PHE B 231 0.79 3.11 16.08
N HIS B 232 -0.51 3.11 16.36
CA HIS B 232 -1.06 2.65 17.64
C HIS B 232 -2.42 1.99 17.41
N ASP B 233 -2.91 1.22 18.38
CA ASP B 233 -4.11 0.42 18.15
C ASP B 233 -5.35 1.29 17.94
N MET B 241 -11.98 -10.02 29.03
CA MET B 241 -11.14 -9.19 28.18
C MET B 241 -10.40 -10.03 27.15
N LYS B 242 -9.40 -10.77 27.60
CA LYS B 242 -8.79 -11.79 26.79
C LYS B 242 -9.50 -13.09 27.16
N LYS B 243 -10.13 -13.74 26.18
CA LYS B 243 -11.02 -14.87 26.53
C LYS B 243 -10.37 -16.26 26.62
N GLY B 244 -9.41 -16.56 25.75
CA GLY B 244 -8.98 -17.94 25.52
C GLY B 244 -7.78 -18.42 26.30
N PRO B 245 -7.28 -19.62 25.95
CA PRO B 245 -6.05 -20.18 26.47
C PRO B 245 -4.86 -19.94 25.56
N PHE B 246 -5.03 -19.13 24.51
CA PHE B 246 -3.95 -18.86 23.56
C PHE B 246 -3.57 -17.39 23.54
N GLU B 247 -2.27 -17.14 23.37
CA GLU B 247 -1.76 -15.83 23.03
C GLU B 247 -1.66 -15.76 21.50
N MET B 248 -2.56 -14.99 20.91
CA MET B 248 -2.71 -14.93 19.47
C MET B 248 -2.08 -13.67 18.90
N GLU B 249 -1.20 -13.84 17.93
CA GLU B 249 -0.58 -12.69 17.30
C GLU B 249 -0.32 -12.86 15.81
N TYR B 250 -0.07 -11.72 15.18
CA TYR B 250 0.11 -11.62 13.74
C TYR B 250 1.45 -12.15 13.26
N GLN B 251 1.46 -12.70 12.05
CA GLN B 251 2.69 -13.06 11.37
C GLN B 251 3.17 -11.84 10.59
N MET B 252 4.41 -11.42 10.88
CA MET B 252 4.99 -10.18 10.35
C MET B 252 6.50 -10.34 10.25
N LYS B 253 7.13 -9.77 9.22
CA LYS B 253 8.56 -9.97 9.00
C LYS B 253 9.42 -9.24 10.03
N ARG B 254 10.40 -9.96 10.59
CA ARG B 254 11.44 -9.38 11.45
C ARG B 254 12.50 -8.66 10.59
N LEU B 255 12.55 -7.33 10.68
CA LEU B 255 13.57 -6.55 9.99
C LEU B 255 14.66 -6.12 10.97
N PRO B 256 15.91 -6.00 10.48
CA PRO B 256 17.03 -5.71 11.39
C PRO B 256 16.83 -4.50 12.30
N SER B 257 16.22 -3.43 11.77
CA SER B 257 16.04 -2.20 12.50
C SER B 257 14.65 -1.62 12.32
N GLU B 258 14.35 -0.59 13.10
CA GLU B 258 13.13 0.20 12.94
C GLU B 258 13.29 1.00 11.65
N ARG B 259 14.50 1.50 11.47
CA ARG B 259 14.84 2.34 10.33
C ARG B 259 14.54 1.69 8.99
N LEU B 260 14.88 0.40 8.87
CA LEU B 260 14.75 -0.28 7.58
C LEU B 260 13.27 -0.46 7.18
N ALA B 261 12.43 -0.76 8.18
CA ALA B 261 10.99 -0.87 7.99
C ALA B 261 10.44 0.48 7.57
N THR B 262 10.74 1.48 8.39
CA THR B 262 10.41 2.87 8.10
C THR B 262 10.66 3.23 6.63
N GLN B 263 11.84 2.88 6.14
CA GLN B 263 12.22 3.17 4.76
C GLN B 263 11.27 2.52 3.77
N LYS B 264 10.87 1.28 4.06
CA LYS B 264 10.01 0.53 3.15
C LYS B 264 8.56 1.03 3.20
N ILE B 265 8.04 1.29 4.38
CA ILE B 265 6.69 1.80 4.51
C ILE B 265 6.54 3.09 3.73
N LEU B 266 7.45 4.02 3.97
CA LEU B 266 7.41 5.34 3.31
C LEU B 266 7.60 5.22 1.82
N SER B 267 8.52 4.35 1.42
CA SER B 267 8.79 4.11 0.01
C SER B 267 7.52 3.73 -0.74
N ILE B 268 6.73 2.84 -0.13
CA ILE B 268 5.52 2.33 -0.75
C ILE B 268 4.39 3.37 -0.73
N ILE B 269 4.17 3.99 0.42
CA ILE B 269 3.22 5.09 0.51
C ILE B 269 3.55 6.18 -0.51
N GLY B 270 4.81 6.59 -0.56
CA GLY B 270 5.24 7.56 -1.54
C GLY B 270 4.77 7.17 -2.92
N ASP B 271 5.09 5.96 -3.33
CA ASP B 271 4.70 5.46 -4.65
C ASP B 271 3.21 5.59 -4.87
N CYS B 272 2.43 5.30 -3.83
CA CYS B 272 0.97 5.34 -3.92
C CYS B 272 0.43 6.76 -4.04
N LEU B 273 0.96 7.67 -3.23
CA LEU B 273 0.62 9.08 -3.37
C LEU B 273 0.80 9.48 -4.83
N ASP B 274 1.94 9.08 -5.39
CA ASP B 274 2.28 9.44 -6.76
C ASP B 274 1.30 8.90 -7.79
N ASN B 275 0.97 7.61 -7.68
CA ASN B 275 0.19 6.93 -8.73
C ASN B 275 -1.31 6.84 -8.45
N PHE B 276 -1.72 6.90 -7.19
CA PHE B 276 -3.12 6.68 -6.80
C PHE B 276 -3.82 7.83 -6.08
N GLY B 277 -3.09 8.53 -5.21
CA GLY B 277 -3.68 9.57 -4.34
C GLY B 277 -3.99 10.84 -5.09
N PRO B 278 -5.18 11.43 -4.85
CA PRO B 278 -5.55 12.57 -5.66
C PRO B 278 -4.93 13.92 -5.22
N GLY B 279 -4.35 14.63 -6.18
CA GLY B 279 -3.77 15.95 -5.91
C GLY B 279 -2.42 15.90 -5.23
N TYR B 280 -1.75 14.75 -5.29
CA TYR B 280 -0.36 14.67 -4.82
C TYR B 280 0.59 14.74 -6.02
N SER B 281 1.53 15.67 -6.01
CA SER B 281 2.56 15.77 -7.06
C SER B 281 3.94 15.96 -6.44
N SER B 282 4.96 16.05 -7.30
CA SER B 282 6.35 16.28 -6.88
C SER B 282 6.76 15.43 -5.67
N VAL B 283 6.46 14.15 -5.79
CA VAL B 283 6.81 13.21 -4.74
C VAL B 283 8.31 12.99 -4.81
N GLN B 284 8.99 13.18 -3.68
CA GLN B 284 10.44 13.04 -3.61
C GLN B 284 10.79 12.10 -2.47
N LYS B 285 11.21 10.88 -2.79
CA LYS B 285 11.62 9.94 -1.76
C LYS B 285 13.05 10.21 -1.31
N ILE B 286 13.18 10.77 -0.11
CA ILE B 286 14.49 11.06 0.48
C ILE B 286 14.69 10.15 1.70
N LEU B 287 14.77 8.86 1.42
CA LEU B 287 14.66 7.83 2.44
C LEU B 287 15.92 7.66 3.27
N ASN B 288 17.06 8.10 2.74
CA ASN B 288 18.37 7.83 3.35
C ASN B 288 18.85 8.83 4.38
N ALA B 289 18.17 9.97 4.52
CA ALA B 289 18.57 10.99 5.50
C ALA B 289 18.53 10.46 6.94
N ARG B 290 18.99 11.28 7.89
CA ARG B 290 19.01 10.92 9.32
C ARG B 290 17.62 10.44 9.72
N CYS B 291 16.61 11.21 9.32
CA CYS B 291 15.23 10.82 9.49
C CYS B 291 14.60 10.64 8.10
N PRO B 292 14.36 9.38 7.68
CA PRO B 292 13.79 9.09 6.36
C PRO B 292 12.55 9.93 6.09
N LEU B 293 12.40 10.35 4.84
CA LEU B 293 11.48 11.41 4.50
C LEU B 293 10.86 11.26 3.12
N VAL B 294 9.59 11.62 2.99
CA VAL B 294 8.98 11.79 1.68
C VAL B 294 8.36 13.18 1.59
N LYS B 295 8.90 14.00 0.68
CA LYS B 295 8.38 15.33 0.42
C LYS B 295 7.42 15.20 -0.74
N PHE B 296 6.34 15.97 -0.69
CA PHE B 296 5.34 15.95 -1.76
C PHE B 296 4.47 17.18 -1.70
N SER B 297 3.87 17.51 -2.83
CA SER B 297 3.08 18.73 -2.97
C SER B 297 1.61 18.36 -3.04
N HIS B 298 0.80 18.94 -2.16
CA HIS B 298 -0.63 18.64 -2.09
C HIS B 298 -1.42 19.76 -2.76
N GLN B 299 -1.87 19.50 -3.98
CA GLN B 299 -2.50 20.53 -4.83
C GLN B 299 -3.68 21.21 -4.18
N PRO B 300 -4.61 20.43 -3.58
CA PRO B 300 -5.87 21.01 -3.07
C PRO B 300 -5.70 22.03 -1.93
N THR B 301 -4.79 21.75 -1.00
CA THR B 301 -4.52 22.65 0.11
C THR B 301 -3.34 23.59 -0.20
N GLY B 302 -2.67 23.36 -1.32
CA GLY B 302 -1.54 24.19 -1.74
C GLY B 302 -0.23 23.97 -0.99
N PHE B 303 -0.27 23.19 0.09
CA PHE B 303 0.89 22.99 0.94
C PHE B 303 1.89 21.99 0.39
N GLN B 304 3.15 22.38 0.46
CA GLN B 304 4.17 21.28 0.31
C GLN B 304 4.40 20.70 1.71
N CYS B 305 4.54 19.37 1.64
CA CYS B 305 4.51 18.54 2.85
C CYS B 305 5.74 17.68 3.01
N ASP B 306 5.96 17.21 4.23
CA ASP B 306 7.11 16.42 4.58
C ASP B 306 6.72 15.25 5.47
N LEU B 307 6.63 14.06 4.88
CA LEU B 307 6.16 12.88 5.61
C LEU B 307 7.34 12.08 6.15
N SER B 308 7.27 11.77 7.44
CA SER B 308 8.29 10.98 8.11
C SER B 308 7.58 10.12 9.17
N VAL B 309 8.27 9.09 9.67
CA VAL B 309 7.69 8.18 10.66
C VAL B 309 7.94 8.76 12.03
N SER B 310 7.00 8.54 12.94
CA SER B 310 6.99 9.23 14.22
C SER B 310 8.35 9.21 14.91
N ASN B 311 8.84 10.41 15.22
CA ASN B 311 10.05 10.60 15.99
C ASN B 311 9.65 11.40 17.21
N SER B 312 9.65 10.75 18.36
CA SER B 312 9.14 11.36 19.58
C SER B 312 10.07 12.45 20.15
N ILE B 313 11.34 12.45 19.74
CA ILE B 313 12.26 13.53 20.12
C ILE B 313 11.82 14.85 19.47
N ALA B 314 11.51 14.79 18.18
CA ALA B 314 11.06 15.96 17.43
C ALA B 314 9.73 16.51 17.95
N ILE B 315 8.85 15.62 18.41
CA ILE B 315 7.54 16.03 18.95
C ILE B 315 7.71 16.76 20.27
N ARG B 316 8.64 16.30 21.11
CA ARG B 316 8.91 16.97 22.36
C ARG B 316 9.46 18.40 22.13
N CYS B 317 10.30 18.56 21.11
CA CYS B 317 10.77 19.89 20.70
C CYS B 317 9.58 20.78 20.40
N SER B 318 8.71 20.28 19.52
CA SER B 318 7.56 21.05 19.09
C SER B 318 6.70 21.44 20.28
N GLU B 319 6.55 20.54 21.25
CA GLU B 319 5.80 20.86 22.44
C GLU B 319 6.52 21.92 23.29
N LEU B 320 7.83 21.73 23.49
CA LEU B 320 8.65 22.69 24.22
C LEU B 320 8.55 24.08 23.61
N LEU B 321 8.70 24.15 22.30
CA LEU B 321 8.55 25.40 21.58
C LEU B 321 7.12 25.93 21.66
N TYR B 322 6.14 25.02 21.63
CA TYR B 322 4.75 25.41 21.86
C TYR B 322 4.62 26.13 23.19
N ILE B 323 5.22 25.56 24.24
CA ILE B 323 5.14 26.17 25.56
C ILE B 323 5.70 27.58 25.50
N TYR B 324 6.96 27.68 25.12
CA TYR B 324 7.66 28.96 25.10
C TYR B 324 6.85 30.02 24.38
N GLY B 325 6.41 29.70 23.17
CA GLY B 325 5.60 30.62 22.38
C GLY B 325 4.34 31.07 23.11
N CYS B 326 3.72 30.16 23.85
CA CYS B 326 2.48 30.47 24.57
C CYS B 326 2.74 31.34 25.79
N LEU B 327 3.85 31.11 26.49
CA LEU B 327 4.15 31.83 27.73
C LEU B 327 4.11 33.36 27.60
N ASP B 328 4.51 33.88 26.43
CA ASP B 328 4.58 35.34 26.24
C ASP B 328 4.55 35.76 24.77
N PRO B 329 3.78 36.80 24.43
CA PRO B 329 3.75 37.27 23.04
C PRO B 329 5.09 37.82 22.54
N ARG B 330 5.89 38.36 23.45
CA ARG B 330 7.21 38.85 23.09
C ARG B 330 8.05 37.73 22.45
N VAL B 331 7.91 36.52 22.97
CA VAL B 331 8.66 35.36 22.47
C VAL B 331 8.42 35.20 20.97
N ARG B 332 7.16 35.08 20.61
CA ARG B 332 6.76 34.88 19.22
C ARG B 332 7.19 36.07 18.38
N ALA B 333 6.78 37.27 18.81
CA ALA B 333 7.14 38.51 18.16
C ALA B 333 8.60 38.56 17.74
N LEU B 334 9.48 38.25 18.69
CA LEU B 334 10.92 38.27 18.43
C LEU B 334 11.31 37.28 17.34
N VAL B 335 10.91 36.03 17.53
CA VAL B 335 11.26 34.94 16.62
C VAL B 335 10.86 35.27 15.18
N PHE B 336 9.62 35.67 14.98
CA PHE B 336 9.13 36.01 13.64
C PHE B 336 9.97 37.09 12.98
N SER B 337 10.25 38.16 13.70
CA SER B 337 10.99 39.30 13.15
C SER B 337 12.43 38.92 12.84
N LEU B 338 13.10 38.29 13.81
CA LEU B 338 14.46 37.84 13.61
C LEU B 338 14.57 36.75 12.55
N ARG B 339 13.51 35.93 12.39
CA ARG B 339 13.47 34.92 11.33
C ARG B 339 13.48 35.64 9.98
N CYS B 340 12.60 36.64 9.86
CA CYS B 340 12.50 37.46 8.65
C CYS B 340 13.81 38.20 8.36
N TRP B 341 14.38 38.78 9.41
CA TRP B 341 15.68 39.44 9.34
C TRP B 341 16.72 38.53 8.71
N ALA B 342 16.79 37.32 9.22
CA ALA B 342 17.76 36.35 8.72
C ALA B 342 17.55 36.04 7.23
N ARG B 343 16.31 35.77 6.84
CA ARG B 343 16.01 35.51 5.43
C ARG B 343 16.42 36.69 4.55
N VAL B 344 16.10 37.89 5.01
CA VAL B 344 16.41 39.10 4.26
C VAL B 344 17.90 39.22 3.97
N HIS B 345 18.73 38.96 4.98
CA HIS B 345 20.18 39.11 4.85
C HIS B 345 20.89 37.83 4.41
N GLY B 346 20.13 36.87 3.87
CA GLY B 346 20.70 35.63 3.35
C GLY B 346 21.49 34.81 4.35
N LEU B 347 21.17 34.95 5.63
CA LEU B 347 21.78 34.12 6.67
C LEU B 347 21.14 32.75 6.70
N THR B 348 19.85 32.68 6.33
CA THR B 348 19.12 31.42 6.19
C THR B 348 18.86 31.13 4.72
N ASN B 349 18.50 29.90 4.41
CA ASN B 349 18.21 29.48 3.05
C ASN B 349 17.23 28.30 3.04
N SER B 350 16.42 28.23 1.99
CA SER B 350 15.41 27.17 1.86
C SER B 350 16.00 25.79 1.59
N VAL B 351 17.24 25.74 1.10
CA VAL B 351 17.96 24.48 0.92
C VAL B 351 18.95 24.29 2.08
N PRO B 352 19.17 23.03 2.52
CA PRO B 352 20.16 22.79 3.57
C PRO B 352 21.59 23.14 3.15
N GLY B 353 22.47 23.38 4.12
CA GLY B 353 23.86 23.71 3.82
C GLY B 353 24.64 24.24 5.02
N THR B 354 25.57 25.14 4.74
CA THR B 354 26.41 25.73 5.79
C THR B 354 25.70 26.86 6.53
N TRP B 355 24.53 27.26 6.03
CA TRP B 355 23.73 28.30 6.66
C TRP B 355 23.20 27.87 8.02
N ILE B 356 22.72 28.84 8.79
CA ILE B 356 21.97 28.58 10.01
C ILE B 356 20.54 28.22 9.59
N THR B 357 19.94 27.27 10.31
CA THR B 357 18.55 26.91 10.09
C THR B 357 17.64 27.70 11.03
N ASN B 358 16.45 28.03 10.57
CA ASN B 358 15.45 28.68 11.41
C ASN B 358 15.29 27.98 12.76
N PHE B 359 15.40 26.65 12.77
CA PHE B 359 15.31 25.91 14.03
C PHE B 359 16.44 26.29 14.97
N SER B 360 17.67 26.26 14.47
CA SER B 360 18.82 26.68 15.27
C SER B 360 18.67 28.13 15.71
N LEU B 361 18.26 28.99 14.78
CA LEU B 361 18.07 30.40 15.10
C LEU B 361 17.01 30.58 16.16
N THR B 362 15.95 29.78 16.07
CA THR B 362 14.89 29.81 17.05
C THR B 362 15.45 29.36 18.39
N MET B 363 16.29 28.33 18.38
CA MET B 363 16.92 27.85 19.60
C MET B 363 17.84 28.90 20.23
N MET B 364 18.57 29.64 19.40
CA MET B 364 19.43 30.73 19.90
C MET B 364 18.59 31.82 20.57
N ILE B 365 17.45 32.14 19.96
CA ILE B 365 16.55 33.14 20.51
C ILE B 365 15.98 32.70 21.86
N MET B 366 15.57 31.44 21.96
CA MET B 366 15.07 30.92 23.23
C MET B 366 16.13 31.06 24.31
N PHE B 367 17.36 30.69 23.96
CA PHE B 367 18.50 30.85 24.86
C PHE B 367 18.61 32.29 25.33
N PHE B 368 18.63 33.22 24.39
CA PHE B 368 18.71 34.66 24.67
C PHE B 368 17.67 35.08 25.70
N LEU B 369 16.44 34.58 25.51
CA LEU B 369 15.32 34.91 26.40
C LEU B 369 15.45 34.24 27.77
N GLN B 370 16.17 33.13 27.83
CA GLN B 370 16.48 32.49 29.10
C GLN B 370 17.44 33.33 29.94
N LYS B 371 18.32 34.08 29.27
CA LYS B 371 19.39 34.82 29.95
C LYS B 371 19.02 36.27 30.30
N ARG B 372 17.73 36.57 30.35
CA ARG B 372 17.29 37.91 30.74
C ARG B 372 17.28 38.03 32.25
N SER B 373 17.20 39.27 32.73
CA SER B 373 17.16 39.56 34.16
C SER B 373 15.90 40.34 34.52
N PRO B 374 14.85 39.64 34.99
CA PRO B 374 14.78 38.20 35.19
C PRO B 374 14.46 37.49 33.87
N PRO B 375 14.63 36.16 33.82
CA PRO B 375 14.36 35.42 32.58
C PRO B 375 12.93 35.58 32.10
N ILE B 376 12.74 35.59 30.79
CA ILE B 376 11.40 35.68 30.19
C ILE B 376 10.77 34.29 30.09
N ILE B 377 11.60 33.28 29.81
CA ILE B 377 11.15 31.89 29.84
C ILE B 377 12.09 31.06 30.71
N PRO B 378 11.54 30.02 31.37
CA PRO B 378 12.35 29.18 32.22
C PRO B 378 13.24 28.26 31.42
N THR B 379 14.28 27.73 32.08
CA THR B 379 15.15 26.74 31.46
C THR B 379 14.38 25.43 31.28
N LEU B 380 14.94 24.50 30.52
CA LEU B 380 14.28 23.21 30.31
C LEU B 380 14.26 22.41 31.61
N ASP B 381 15.36 22.49 32.35
CA ASP B 381 15.43 21.85 33.67
C ASP B 381 14.40 22.42 34.65
N GLN B 382 14.17 23.72 34.62
CA GLN B 382 13.14 24.33 35.45
C GLN B 382 11.76 23.75 35.14
N LEU B 383 11.54 23.35 33.89
CA LEU B 383 10.29 22.72 33.50
C LEU B 383 10.26 21.28 34.01
N LYS B 384 11.32 20.53 33.69
CA LYS B 384 11.47 19.15 34.16
C LYS B 384 11.16 18.99 35.67
N GLU B 385 11.59 19.95 36.47
CA GLU B 385 11.32 19.94 37.92
C GLU B 385 9.83 20.08 38.24
N LEU B 386 9.11 20.85 37.43
CA LEU B 386 7.68 21.09 37.63
C LEU B 386 6.77 20.00 37.04
N ALA B 387 7.38 19.04 36.33
CA ALA B 387 6.64 17.92 35.74
C ALA B 387 6.20 16.92 36.80
N ASP B 388 5.00 16.36 36.62
CA ASP B 388 4.51 15.25 37.45
C ASP B 388 4.76 13.92 36.75
N GLU B 389 4.42 12.83 37.42
CA GLU B 389 4.58 11.48 36.84
C GLU B 389 3.76 11.35 35.55
N LYS B 390 2.64 12.07 35.48
CA LYS B 390 1.82 12.17 34.26
C LYS B 390 2.64 12.60 33.03
N ASP B 391 3.54 13.56 33.23
CA ASP B 391 4.34 14.12 32.13
C ASP B 391 5.72 13.49 32.02
N LYS B 392 5.93 12.31 32.60
CA LYS B 392 7.23 11.64 32.51
C LYS B 392 7.33 10.95 31.15
N HIS B 393 8.29 11.38 30.32
CA HIS B 393 8.57 10.75 29.03
C HIS B 393 10.08 10.53 28.93
N VAL B 394 10.48 9.28 28.68
CA VAL B 394 11.91 8.94 28.58
C VAL B 394 12.14 8.12 27.32
N ILE B 395 12.92 8.68 26.41
CA ILE B 395 13.04 8.15 25.05
C ILE B 395 14.51 8.01 24.67
N GLY B 396 14.85 6.87 24.06
CA GLY B 396 16.21 6.58 23.61
C GLY B 396 17.30 6.70 24.67
N GLY B 397 16.93 6.49 25.94
CA GLY B 397 17.85 6.62 27.06
C GLY B 397 17.71 7.93 27.82
N TYR B 398 17.38 9.01 27.11
CA TYR B 398 17.40 10.37 27.67
C TYR B 398 16.03 10.83 28.20
N ASP B 399 16.04 11.48 29.36
CA ASP B 399 14.82 11.96 30.02
C ASP B 399 14.30 13.23 29.35
N CYS B 400 13.27 13.06 28.52
CA CYS B 400 12.66 14.18 27.80
C CYS B 400 11.41 14.68 28.52
N SER B 401 11.47 14.73 29.85
CA SER B 401 10.31 15.09 30.65
C SER B 401 10.23 16.59 30.86
N PHE B 402 9.02 17.12 30.73
CA PHE B 402 8.74 18.49 31.14
C PHE B 402 7.24 18.72 31.27
N VAL B 403 6.90 19.83 31.92
CA VAL B 403 5.52 20.12 32.29
C VAL B 403 4.64 20.36 31.05
N SER B 404 3.37 19.99 31.13
CA SER B 404 2.41 20.21 30.05
C SER B 404 1.47 21.37 30.37
N ASP B 405 1.06 21.47 31.63
CA ASP B 405 0.16 22.55 32.08
C ASP B 405 0.90 23.87 32.25
N LEU B 406 0.39 24.93 31.63
CA LEU B 406 1.06 26.24 31.65
C LEU B 406 0.85 27.02 32.95
N SER B 407 -0.23 26.71 33.69
CA SER B 407 -0.51 27.43 34.95
C SER B 407 0.50 27.10 36.03
N LYS B 408 1.14 25.93 35.91
CA LYS B 408 2.14 25.50 36.89
C LYS B 408 3.40 26.38 36.85
N ILE B 409 3.63 27.05 35.73
CA ILE B 409 4.80 27.91 35.56
C ILE B 409 4.47 29.32 36.05
N LYS B 410 5.40 29.89 36.82
CA LYS B 410 5.21 31.22 37.38
C LYS B 410 5.40 32.24 36.26
N PRO B 411 4.40 33.11 36.02
CA PRO B 411 4.54 34.14 34.99
C PRO B 411 5.80 34.99 35.16
N THR B 412 6.44 35.34 34.05
CA THR B 412 7.69 36.09 34.11
C THR B 412 7.49 37.52 34.63
N LYS B 413 8.35 37.91 35.55
CA LYS B 413 8.35 39.27 36.08
C LYS B 413 8.94 40.27 35.08
N ASN B 414 9.82 39.79 34.19
CA ASN B 414 10.47 40.65 33.18
C ASN B 414 9.49 41.52 32.40
N THR B 415 9.85 42.79 32.22
CA THR B 415 8.97 43.76 31.56
C THR B 415 9.65 44.46 30.38
N GLU B 416 10.77 43.91 29.92
CA GLU B 416 11.52 44.56 28.84
C GLU B 416 10.64 44.70 27.62
N THR B 417 10.73 45.84 26.95
CA THR B 417 10.01 46.05 25.69
C THR B 417 10.78 45.38 24.56
N LEU B 418 10.13 45.22 23.42
CA LEU B 418 10.77 44.61 22.28
C LEU B 418 11.86 45.53 21.73
N ASP B 419 11.59 46.84 21.71
CA ASP B 419 12.59 47.84 21.36
C ASP B 419 13.95 47.43 21.91
N GLU B 420 13.99 47.12 23.19
CA GLU B 420 15.23 46.71 23.83
C GLU B 420 15.63 45.30 23.39
N LEU B 421 14.71 44.36 23.55
CA LEU B 421 15.04 42.96 23.31
C LEU B 421 15.57 42.71 21.91
N LEU B 422 15.02 43.41 20.91
CA LEU B 422 15.50 43.26 19.54
C LEU B 422 16.95 43.70 19.44
N CYS B 423 17.23 44.90 19.91
CA CYS B 423 18.57 45.43 19.85
C CYS B 423 19.52 44.60 20.69
N ASP B 424 19.10 44.31 21.92
CA ASP B 424 19.90 43.52 22.86
C ASP B 424 20.30 42.17 22.28
N PHE B 425 19.40 41.58 21.50
CA PHE B 425 19.65 40.30 20.87
C PHE B 425 20.82 40.41 19.92
N PHE B 426 20.79 41.42 19.07
CA PHE B 426 21.90 41.66 18.15
C PHE B 426 23.18 41.94 18.91
N GLN B 427 23.10 42.82 19.90
CA GLN B 427 24.23 43.12 20.77
C GLN B 427 24.78 41.86 21.40
N TYR B 428 23.88 41.08 22.01
CA TYR B 428 24.26 39.92 22.81
C TYR B 428 25.07 38.93 21.99
N PHE B 429 24.50 38.51 20.87
CA PHE B 429 25.15 37.54 20.01
C PHE B 429 26.25 38.18 19.18
N GLY B 430 26.14 39.47 18.89
CA GLY B 430 27.21 40.22 18.24
C GLY B 430 28.53 40.13 18.99
N ASN B 431 28.46 40.16 20.32
CA ASN B 431 29.65 40.11 21.15
C ASN B 431 29.77 38.80 21.90
N PHE B 432 29.12 37.77 21.39
CA PHE B 432 29.15 36.45 22.01
C PHE B 432 30.43 35.74 21.59
N ASP B 433 31.04 35.00 22.50
CA ASP B 433 32.27 34.28 22.22
C ASP B 433 31.97 32.85 21.77
N PHE B 434 31.76 32.70 20.47
CA PHE B 434 31.32 31.41 19.90
C PHE B 434 32.41 30.35 19.90
N ARG B 435 33.68 30.77 19.94
CA ARG B 435 34.80 29.85 19.94
C ARG B 435 34.96 29.19 21.32
N LYS B 436 34.73 29.96 22.37
CA LYS B 436 34.89 29.47 23.74
C LYS B 436 33.61 28.94 24.37
N ASN B 437 32.45 29.35 23.85
CA ASN B 437 31.17 29.01 24.48
C ASN B 437 30.15 28.31 23.57
N SER B 438 29.26 27.53 24.21
CA SER B 438 28.13 26.87 23.55
C SER B 438 26.83 27.15 24.30
N LEU B 439 25.71 26.97 23.60
CA LEU B 439 24.40 27.29 24.18
C LEU B 439 23.72 26.04 24.75
N ASN B 440 23.60 25.99 26.07
CA ASN B 440 22.82 24.94 26.73
C ASN B 440 21.48 25.49 27.22
N LEU B 441 20.39 25.00 26.64
CA LEU B 441 19.04 25.44 27.01
C LEU B 441 18.48 24.69 28.21
N ARG B 442 19.08 23.56 28.57
CA ARG B 442 18.68 22.83 29.77
C ARG B 442 19.04 23.65 31.01
N LYS B 443 20.29 24.11 31.06
CA LYS B 443 20.83 24.87 32.19
C LYS B 443 20.58 26.38 32.04
N GLY B 444 20.47 26.83 30.80
CA GLY B 444 20.31 28.25 30.49
C GLY B 444 21.60 29.01 30.73
N LYS B 445 22.72 28.37 30.41
CA LYS B 445 24.03 28.94 30.69
C LYS B 445 24.97 28.67 29.53
N GLU B 446 25.99 29.50 29.41
CA GLU B 446 27.05 29.27 28.43
C GLU B 446 27.98 28.24 29.03
N VAL B 447 28.38 27.24 28.23
CA VAL B 447 29.20 26.14 28.72
C VAL B 447 30.33 25.81 27.76
N ASN B 448 31.23 24.93 28.19
CA ASN B 448 32.33 24.51 27.35
C ASN B 448 31.81 23.63 26.23
N LYS B 449 32.48 23.69 25.08
CA LYS B 449 31.99 22.98 23.90
C LYS B 449 32.45 21.53 23.89
N PRO B 450 31.50 20.57 23.93
CA PRO B 450 31.88 19.15 23.87
C PRO B 450 32.46 18.71 22.50
N GLU B 451 32.44 19.61 21.53
CA GLU B 451 33.07 19.39 20.24
C GLU B 451 33.77 20.68 19.84
N SER B 452 34.48 20.66 18.72
CA SER B 452 35.14 21.87 18.21
C SER B 452 34.46 22.29 16.91
N SER B 453 33.15 22.51 17.01
CA SER B 453 32.34 23.09 15.92
C SER B 453 32.29 24.62 16.14
N PRO B 454 32.10 25.42 15.07
CA PRO B 454 32.12 26.87 15.29
C PRO B 454 30.94 27.35 16.14
N LEU B 455 29.73 26.99 15.72
CA LEU B 455 28.50 27.29 16.46
C LEU B 455 27.97 25.99 17.05
N TYR B 456 28.01 25.88 18.38
CA TYR B 456 27.51 24.69 19.07
C TYR B 456 26.27 25.02 19.91
N ILE B 457 25.16 24.36 19.59
CA ILE B 457 23.93 24.49 20.38
C ILE B 457 23.49 23.11 20.88
N TRP B 458 23.43 22.97 22.19
CA TRP B 458 23.09 21.72 22.84
C TRP B 458 21.67 21.30 22.50
N ASN B 459 21.54 20.23 21.70
CA ASN B 459 20.28 19.52 21.54
C ASN B 459 19.77 19.09 22.92
N PRO B 460 18.60 19.58 23.33
CA PRO B 460 18.17 19.40 24.72
C PRO B 460 17.67 18.00 25.07
N PHE B 461 17.31 17.21 24.06
CA PHE B 461 16.72 15.89 24.31
C PHE B 461 17.66 14.75 23.93
N GLU B 462 18.89 15.07 23.59
CA GLU B 462 19.88 14.06 23.24
C GLU B 462 21.15 14.28 24.05
N GLN B 463 21.95 13.23 24.16
CA GLN B 463 23.32 13.32 24.63
C GLN B 463 24.61 14.11 24.45
N ASP B 464 24.97 14.34 23.19
CA ASP B 464 26.16 15.11 22.81
C ASP B 464 25.64 15.19 21.38
N LEU B 465 24.76 16.17 21.12
CA LEU B 465 24.35 16.47 19.75
C LEU B 465 24.34 17.98 19.51
N ASN B 466 25.08 18.40 18.49
CA ASN B 466 25.07 19.79 18.05
C ASN B 466 24.02 19.94 16.96
N ILE B 467 23.07 20.85 17.17
CA ILE B 467 22.01 21.06 16.18
C ILE B 467 22.48 21.98 15.06
N SER B 468 23.53 22.75 15.34
CA SER B 468 24.13 23.65 14.36
C SER B 468 25.51 23.12 13.95
N LYS B 469 25.61 21.79 13.87
CA LYS B 469 26.87 21.15 13.50
C LYS B 469 27.22 21.53 12.07
N ASN B 470 26.18 21.64 11.25
CA ASN B 470 26.31 22.02 9.84
C ASN B 470 26.90 23.41 9.57
N VAL B 471 26.84 24.28 10.58
CA VAL B 471 27.26 25.67 10.39
C VAL B 471 28.78 25.80 10.46
N ASN B 472 29.34 26.38 9.39
CA ASN B 472 30.79 26.60 9.28
C ASN B 472 31.20 27.97 9.80
N GLN B 473 32.50 28.25 9.77
CA GLN B 473 33.02 29.53 10.25
C GLN B 473 32.59 30.70 9.36
N PRO B 474 32.85 30.65 8.03
CA PRO B 474 32.47 31.77 7.18
C PRO B 474 31.05 32.28 7.41
N GLN B 475 30.09 31.37 7.46
CA GLN B 475 28.69 31.72 7.65
C GLN B 475 28.46 32.34 9.03
N LEU B 476 28.93 31.68 10.08
CA LEU B 476 28.80 32.21 11.43
C LEU B 476 29.29 33.65 11.50
N GLU B 477 30.47 33.89 10.94
CA GLU B 477 31.05 35.23 10.95
C GLU B 477 30.14 36.25 10.29
N LYS B 478 29.46 35.85 9.22
CA LYS B 478 28.55 36.76 8.52
C LYS B 478 27.34 37.10 9.39
N PHE B 479 26.85 36.12 10.14
CA PHE B 479 25.78 36.35 11.11
C PHE B 479 26.19 37.41 12.12
N VAL B 480 27.33 37.19 12.77
CA VAL B 480 27.87 38.12 13.75
C VAL B 480 28.02 39.53 13.15
N ALA B 481 28.55 39.60 11.93
CA ALA B 481 28.71 40.88 11.26
C ALA B 481 27.35 41.52 11.12
N MET B 482 26.42 40.80 10.51
CA MET B 482 25.07 41.28 10.26
C MET B 482 24.39 41.72 11.56
N ALA B 483 24.59 40.96 12.64
CA ALA B 483 24.05 41.33 13.94
C ALA B 483 24.65 42.65 14.41
N ARG B 484 25.98 42.73 14.37
CA ARG B 484 26.68 43.94 14.82
C ARG B 484 26.33 45.18 14.01
N GLU B 485 26.16 45.02 12.70
CA GLU B 485 25.67 46.12 11.87
C GLU B 485 24.25 46.46 12.34
N SER B 486 23.42 45.44 12.48
CA SER B 486 22.01 45.62 12.84
C SER B 486 21.85 46.36 14.18
N ALA B 487 22.66 45.99 15.17
CA ALA B 487 22.64 46.67 16.46
C ALA B 487 23.08 48.12 16.30
N TRP B 488 24.22 48.32 15.66
CA TRP B 488 24.76 49.67 15.46
C TRP B 488 23.71 50.60 14.88
N ILE B 489 23.00 50.12 13.85
CA ILE B 489 21.95 50.91 13.21
C ILE B 489 20.92 51.31 14.27
N LEU B 490 20.30 50.32 14.89
CA LEU B 490 19.28 50.56 15.91
C LEU B 490 19.73 51.50 17.02
N GLN B 491 20.94 51.28 17.53
CA GLN B 491 21.49 52.12 18.60
C GLN B 491 21.60 53.56 18.14
N LYS B 492 22.35 53.78 17.06
CA LYS B 492 22.71 55.12 16.61
C LYS B 492 21.89 55.59 15.41
N GLU B 493 20.55 55.48 15.50
CA GLU B 493 19.66 55.99 14.44
C GLU B 493 18.69 57.03 14.98
N ASP B 494 18.39 58.02 14.14
CA ASP B 494 17.47 59.09 14.51
C ASP B 494 16.08 58.72 14.02
N LYS B 495 15.31 58.08 14.89
CA LYS B 495 13.99 57.55 14.52
C LYS B 495 13.05 58.65 14.04
N THR B 496 12.83 59.65 14.88
CA THR B 496 11.95 60.77 14.57
C THR B 496 12.31 61.43 13.23
N GLN B 497 13.59 61.54 12.95
CA GLN B 497 14.04 62.24 11.75
C GLN B 497 13.94 61.41 10.49
N GLN B 498 14.00 60.09 10.64
CA GLN B 498 13.82 59.17 9.52
C GLN B 498 12.36 59.10 9.07
N MET B 499 11.45 59.17 10.03
CA MET B 499 10.02 59.21 9.73
C MET B 499 9.71 60.47 8.90
N ILE B 500 10.22 61.60 9.36
CA ILE B 500 10.10 62.89 8.67
C ILE B 500 10.68 62.81 7.25
N ASN B 501 11.83 62.15 7.11
CA ASN B 501 12.46 61.96 5.79
C ASN B 501 11.60 61.12 4.83
N LYS B 502 10.72 60.27 5.40
CA LYS B 502 10.04 59.13 4.73
C LYS B 502 10.87 57.83 4.63
N GLU B 503 12.14 57.85 5.01
CA GLU B 503 13.00 56.66 4.92
C GLU B 503 12.78 55.68 6.08
N PRO B 504 13.30 54.46 5.98
CA PRO B 504 13.03 53.40 6.95
C PRO B 504 13.64 53.61 8.34
N TRP B 505 13.10 52.93 9.34
CA TRP B 505 13.56 53.06 10.73
C TRP B 505 13.16 51.86 11.60
N GLY B 506 13.91 51.65 12.68
CA GLY B 506 13.65 50.56 13.60
C GLY B 506 13.76 49.21 12.92
N LEU B 507 12.70 48.41 13.02
CA LEU B 507 12.68 47.08 12.44
C LEU B 507 12.88 47.14 10.93
N ALA B 508 12.27 48.13 10.29
CA ALA B 508 12.39 48.28 8.85
C ALA B 508 13.85 48.50 8.44
N ALA B 509 14.59 49.25 9.23
CA ALA B 509 15.99 49.57 8.93
C ALA B 509 16.88 48.33 8.93
N VAL B 510 16.47 47.31 9.69
CA VAL B 510 17.20 46.05 9.71
C VAL B 510 16.53 44.97 8.84
N LEU B 511 15.39 45.27 8.24
CA LEU B 511 14.75 44.34 7.32
C LEU B 511 14.93 44.75 5.85
N ILE B 512 15.86 45.68 5.60
CA ILE B 512 16.33 45.97 4.24
C ILE B 512 17.81 45.60 4.15
N PRO B 513 18.27 45.17 2.97
CA PRO B 513 19.65 44.68 2.89
C PRO B 513 20.66 45.82 3.08
N PHE B 514 21.89 45.48 3.44
CA PHE B 514 22.93 46.49 3.66
C PHE B 514 23.85 46.63 2.45
N GLY B 515 23.27 47.03 1.32
CA GLY B 515 24.00 47.22 0.07
C GLY B 515 24.38 48.68 -0.16
#